data_8PB1
#
_entry.id   8PB1
#
_cell.length_a   1.00
_cell.length_b   1.00
_cell.length_c   1.00
_cell.angle_alpha   90.00
_cell.angle_beta   90.00
_cell.angle_gamma   90.00
#
_symmetry.space_group_name_H-M   'P 1'
#
loop_
_entity.id
_entity.type
_entity.pdbx_description
1 polymer 'Interleukin-12 subunit alpha'
2 polymer 'Interleukin-12 subunit beta'
3 polymer 'Interleukin-12 receptor subunit beta-1,Death-associated protein kinase 1'
4 polymer 'Interleukin-12 receptor subunit beta-2,Calmodulin-1'
5 branched alpha-D-mannopyranose-(1-3)-beta-D-mannopyranose-(1-4)-2-acetamido-2-deoxy-beta-D-glucopyranose-(1-4)-2-acetamido-2-deoxy-beta-D-glucopyranose
6 non-polymer 2-acetamido-2-deoxy-beta-D-glucopyranose
7 water water
#
loop_
_entity_poly.entity_id
_entity_poly.type
_entity_poly.pdbx_seq_one_letter_code
_entity_poly.pdbx_strand_id
1 'polypeptide(L)'
;RVIPVSGPARCLSQSRNLLKTTDDMVKTAREKLKHYSCTAEDIDHEDITRDQTSTLKTCLPLELHKNESCLATRETSSTT
RGSCLPPQKTSLMMTLCLGSIYEDLKMYQTEFQAINAALQNHNHQQIILDKGMLVAIDELMQSLNHNGETLRQKPPVGEA
DPYRVKMKLCILLHAFSTRVVTINRVMGYLSSAGTSDEVDGGSGGSGLNDIFEAQKIEWHEGRTKHHHHHH
;
A
2 'polypeptide(L)'
;MWELEKDVYVVEVDWTPDAPGETVNLTCDTPEEDDITWTSDQRHGVIGSGKTLTITVKEFLDAGQYTCHKGGETLSHSHL
LLHKKENGIWSTEILKNFKNKTFLKCEAPNYSGRFTCSWLVQRNMDLKFNIKSSSSSPDSRAVTCGMASLSAEKVTLDQR
DYEKYSVSCQEDVTCPTAEETLPIELALEARQQNKYENYSTSFFIRDIIKPDPPKNLQMKPLKNSQVEVSWEYPDSWSTP
HSYFSLKFFVRIQRKKEKMKETEEGCNQKGAFLVEKTSTEVQCKGGNVCVQAQDRYYNSSCSKWACVPCRVRS
;
B
3 'polypeptide(L)'
;QLGASGPGDGCCVEKTSFPEGASGSPLGPRNLSCYRVSKTDYECSWQYDGPEDNVSHVLWCCFVPPNHTHTGQERCRYFS
SGPDRTVQFWEQDGIPVLSKVNFWVESRLGNRTMKSQKISQYLYNWTKTTPPLGHIKVSQSHRQLRMDWNVSEEAGAEVQ
FRRRMPTTNWTLGDCGPQVNSGSGVLGDIRGSMSESCLCPSENMAQEIQIRRRRRLSSGAPGGPWSDWSMPVCVPPEVLP
QAKIKFLVEPLNQGGRRRLTMQGQSPQLAVPEGCRGRPGAQVKKHLVLVRMLSCRCQAQTSKTVPLGKKLNLSGATYDLN
VLAKTRFGRSTIQKWHLPAQELTETRALNVSVGGNMTSMQWAAQAPGTTYCLEWQPWFQHRNHTHCTLIVPEEEDPAKMV
THSWSSKPTLEQEECYRITVFASKNPKNPMLWATVLSSYYFGGNASRAGTPRHVSVRNQTGDSVSVEWTASQLSTCPGVL
TQYVVRCEAEDGAWESEWLVPPTKTQVTLDGLRSRVMYKVQVRADTARLPGAWSHPQRFSFEGTGGSGGSGGAARKKWKQ
SVRLISLCQRLS
;
C
4 'polypeptide(L)'
;NIDVCKLGTVTVQPAPVIPLGSAANISCSLNPKQGCSHYPSSNELILLKFVNDVLVENLHGKKVHDHTGHSSTFQVTNLS
LGMTLFVCKLNCSNSQKKPPVPVCGVEISVGVAPEPPQNISCVQEGENGTVACSWNSGKVTYLKTNYTLQLSGPNNLTCQ
KQCFSDNRQNCNRLDLGINLSPDLAESRFIVRVTAINDLGNSSSLPHTFTFLDIVIPLPPWDIRINFLNASGSRGTLQWE
DEGQVVLNQLRYQPLNSTSWNMVNATNAKGKYDLRDLRPFTEYEFQISSKLHLSGGSWSNWSESLRTRTPEEEPVGILDI
WYMKQDIDYDRQQISLFWKSLNPSEARGKILHYQVTLQEVTKKTTLQNTTRHTSWTRVIPRTGAWTASVSAANSKGASAP
THINIVDLCGTGLLAPHQVSAKSENMDNILVTWQPPKKADSAVREYIVEWRALQPGSITKFPPHWLRIPPDNMSALISEN
IKPYICYEIRVHALSESQGGCSSIRGDSKHKAPVSGPHITAITEKKERLFISWTHIPFPEQRGCILHYRIYWKERDSTAQ
PELCEIQYRRSQNSHPISSLQPRVTYVLWMTAVTAAGESPQGNEREFCPQGKANGTGGSGGSGGLTEEQIAEFKEAFSLF
DKDGDGTITTKELGTVMRSLGQNPTEAELQDMINEVDADGNGTIDFPEFLTMMARKMKDTDSEEEIREAFRVFDKDGNGY
ISAAELRHVMTNLGEKLTDEEVDEMIREADIDGDGQVNYEEFVQMMTAK
;
D
#
loop_
_chem_comp.id
_chem_comp.type
_chem_comp.name
_chem_comp.formula
BMA D-saccharide, beta linking beta-D-mannopyranose 'C6 H12 O6'
MAN D-saccharide, alpha linking alpha-D-mannopyranose 'C6 H12 O6'
NAG D-saccharide, beta linking 2-acetamido-2-deoxy-beta-D-glucopyranose 'C8 H15 N O6'
#
# COMPACT_ATOMS: atom_id res chain seq x y z
N ARG A 10 28.28 28.75 -0.78
CA ARG A 10 27.22 29.29 -1.63
C ARG A 10 25.86 28.91 -1.08
N CYS A 11 24.83 29.04 -1.92
CA CYS A 11 23.48 28.65 -1.54
C CYS A 11 23.28 27.14 -1.53
N LEU A 12 24.23 26.39 -2.08
CA LEU A 12 24.10 24.93 -2.15
C LEU A 12 24.09 24.31 -0.77
N SER A 13 24.94 24.78 0.14
CA SER A 13 24.96 24.25 1.50
C SER A 13 23.64 24.50 2.22
N GLN A 14 23.09 25.71 2.03
CA GLN A 14 21.78 26.01 2.60
C GLN A 14 20.70 25.11 2.00
N SER A 15 20.81 24.82 0.70
CA SER A 15 19.84 23.93 0.05
C SER A 15 19.91 22.51 0.62
N ARG A 16 21.12 21.99 0.83
CA ARG A 16 21.25 20.67 1.44
C ARG A 16 20.74 20.67 2.87
N ASN A 17 20.98 21.76 3.62
CA ASN A 17 20.45 21.86 4.97
C ASN A 17 18.92 21.85 4.94
N LEU A 18 18.33 22.56 3.98
CA LEU A 18 16.87 22.56 3.83
C LEU A 18 16.35 21.18 3.50
N LEU A 19 17.05 20.44 2.63
CA LEU A 19 16.64 19.08 2.32
C LEU A 19 16.68 18.19 3.55
N LYS A 20 17.76 18.28 4.33
CA LYS A 20 17.89 17.45 5.52
C LYS A 20 16.80 17.77 6.54
N THR A 21 16.53 19.06 6.76
CA THR A 21 15.50 19.44 7.71
C THR A 21 14.10 19.01 7.25
N THR A 22 13.84 19.16 5.94
CA THR A 22 12.55 18.72 5.40
C THR A 22 12.38 17.22 5.54
N ASP A 23 13.44 16.45 5.27
CA ASP A 23 13.37 15.00 5.43
C ASP A 23 13.14 14.62 6.88
N ASP A 24 13.82 15.29 7.81
CA ASP A 24 13.61 14.99 9.23
C ASP A 24 12.19 15.29 9.66
N MET A 25 11.64 16.43 9.25
CA MET A 25 10.32 16.79 9.75
C MET A 25 9.24 15.94 9.09
N VAL A 26 9.43 15.55 7.81
CA VAL A 26 8.45 14.67 7.19
C VAL A 26 8.53 13.26 7.76
N LYS A 27 9.73 12.80 8.14
CA LYS A 27 9.80 11.46 8.73
C LYS A 27 9.17 11.44 10.12
N THR A 28 9.31 12.53 10.88
CA THR A 28 8.57 12.62 12.15
C THR A 28 7.05 12.68 11.93
N ALA A 29 6.61 13.44 10.93
CA ALA A 29 5.18 13.52 10.65
C ALA A 29 4.65 12.18 10.15
N ARG A 30 5.52 11.32 9.62
CA ARG A 30 5.07 10.04 9.09
C ARG A 30 4.58 9.08 10.18
N GLU A 31 5.04 9.21 11.43
CA GLU A 31 4.35 8.44 12.46
C GLU A 31 3.40 9.33 13.27
N LYS A 32 3.70 10.63 13.37
CA LYS A 32 2.86 11.46 14.23
C LYS A 32 1.48 11.70 13.63
N LEU A 33 1.37 11.77 12.31
CA LEU A 33 0.09 11.93 11.62
C LEU A 33 -0.16 10.80 10.62
N LYS A 34 0.12 9.56 11.02
CA LYS A 34 0.02 8.46 10.07
C LYS A 34 -1.43 8.06 9.79
N HIS A 35 -2.33 8.31 10.73
CA HIS A 35 -3.71 7.88 10.59
C HIS A 35 -4.58 8.82 9.75
N TYR A 36 -4.15 10.06 9.53
CA TYR A 36 -5.07 11.06 8.97
C TYR A 36 -5.15 10.93 7.45
N SER A 37 -4.06 11.27 6.76
CA SER A 37 -3.97 11.04 5.33
C SER A 37 -2.59 10.63 4.86
N CYS A 38 -1.60 10.57 5.75
CA CYS A 38 -0.22 10.38 5.33
C CYS A 38 0.10 8.92 5.00
N THR A 39 -0.79 8.00 5.30
CA THR A 39 -0.56 6.58 5.00
C THR A 39 -0.78 6.30 3.51
N ASP A 42 -4.71 7.57 -1.65
CA ASP A 42 -3.54 7.20 -0.86
C ASP A 42 -2.62 8.40 -0.63
N ILE A 43 -1.66 8.58 -1.52
CA ILE A 43 -0.70 9.66 -1.36
C ILE A 43 -1.36 11.02 -1.62
N ASP A 44 -2.29 11.09 -2.57
CA ASP A 44 -3.07 12.29 -2.91
C ASP A 44 -2.14 13.45 -3.29
N HIS A 45 -1.47 13.28 -4.42
CA HIS A 45 -0.53 14.27 -4.92
C HIS A 45 -1.28 15.48 -5.46
N GLU A 46 -1.36 16.52 -4.64
CA GLU A 46 -1.82 17.83 -5.07
C GLU A 46 -0.88 18.89 -4.52
N ASP A 47 -0.59 19.90 -5.32
CA ASP A 47 0.34 20.95 -4.96
C ASP A 47 -0.43 22.27 -4.76
N ILE A 48 0.31 23.35 -4.50
CA ILE A 48 -0.28 24.59 -4.02
C ILE A 48 -0.48 25.59 -5.17
N THR A 49 0.38 25.53 -6.19
CA THR A 49 0.33 26.49 -7.28
C THR A 49 0.36 25.77 -8.62
N ARG A 50 -0.48 26.23 -9.56
CA ARG A 50 -0.53 25.66 -10.90
C ARG A 50 -0.17 26.67 -11.98
N ASP A 51 -0.08 27.96 -11.65
CA ASP A 51 0.06 29.02 -12.63
C ASP A 51 1.36 29.83 -12.54
N GLN A 52 1.98 29.95 -11.36
CA GLN A 52 3.39 30.35 -11.27
C GLN A 52 4.28 29.14 -11.08
N THR A 53 4.01 28.07 -11.82
CA THR A 53 4.70 26.80 -11.64
C THR A 53 5.64 26.64 -12.84
N SER A 54 6.32 27.74 -13.18
CA SER A 54 7.29 27.72 -14.28
C SER A 54 8.49 26.84 -14.02
N THR A 55 8.72 26.43 -12.77
CA THR A 55 9.87 25.58 -12.43
C THR A 55 9.82 24.26 -13.18
N LEU A 56 8.62 23.75 -13.44
CA LEU A 56 8.50 22.50 -14.18
C LEU A 56 8.89 22.63 -15.65
N LYS A 57 8.98 23.86 -16.16
CA LYS A 57 9.28 24.07 -17.57
C LYS A 57 10.62 24.75 -17.83
N THR A 58 11.17 25.45 -16.85
CA THR A 58 12.41 26.18 -17.04
C THR A 58 13.59 25.59 -16.28
N CYS A 59 13.34 24.95 -15.14
CA CYS A 59 14.42 24.44 -14.28
C CYS A 59 14.87 23.07 -14.77
N LEU A 60 15.52 23.09 -15.92
CA LEU A 60 16.12 21.93 -16.56
C LEU A 60 17.48 22.33 -17.12
N PRO A 61 18.43 21.40 -17.22
CA PRO A 61 19.75 21.74 -17.75
C PRO A 61 19.68 22.12 -19.22
N LEU A 62 20.63 22.96 -19.64
CA LEU A 62 20.70 23.39 -21.03
C LEU A 62 21.40 22.36 -21.90
N GLU A 63 20.97 21.11 -21.79
CA GLU A 63 21.35 20.05 -22.70
C GLU A 63 20.15 19.21 -23.08
N LEU A 64 19.03 19.32 -22.37
CA LEU A 64 17.80 18.60 -22.66
C LEU A 64 16.72 19.51 -23.24
N HIS A 65 16.97 20.83 -23.30
CA HIS A 65 16.01 21.76 -23.90
C HIS A 65 15.96 21.59 -25.40
N LYS A 66 15.13 20.66 -25.87
CA LYS A 66 15.01 20.43 -27.31
C LYS A 66 14.24 21.56 -28.00
N ASN A 67 13.15 22.01 -27.39
CA ASN A 67 12.26 22.98 -28.00
C ASN A 67 12.00 24.13 -27.05
N GLU A 68 11.62 25.28 -27.63
CA GLU A 68 11.27 26.46 -26.87
C GLU A 68 9.89 26.39 -26.25
N SER A 69 9.10 25.35 -26.55
CA SER A 69 7.74 25.26 -26.03
C SER A 69 7.71 25.17 -24.51
N CYS A 70 8.66 24.44 -23.92
CA CYS A 70 8.84 24.49 -22.47
C CYS A 70 9.36 25.86 -22.04
N THR A 80 11.71 37.95 -9.04
CA THR A 80 12.89 38.79 -9.15
C THR A 80 13.93 38.17 -10.07
N ARG A 81 15.14 38.74 -10.07
CA ARG A 81 16.21 38.26 -10.92
C ARG A 81 17.11 37.24 -10.24
N GLY A 82 17.33 37.39 -8.94
CA GLY A 82 18.21 36.49 -8.21
C GLY A 82 19.63 37.04 -8.11
N SER A 83 20.33 36.59 -7.06
CA SER A 83 21.69 37.05 -6.82
C SER A 83 22.60 35.92 -6.35
N CYS A 84 22.25 34.67 -6.65
CA CYS A 84 23.10 33.54 -6.29
C CYS A 84 23.50 32.72 -7.52
N LEU A 85 23.17 33.22 -8.72
CA LEU A 85 23.60 32.54 -9.94
C LEU A 85 25.05 32.90 -10.24
N PRO A 86 25.92 31.92 -10.46
CA PRO A 86 27.32 32.24 -10.73
C PRO A 86 27.47 32.88 -12.09
N PRO A 87 28.46 33.75 -12.28
CA PRO A 87 28.70 34.32 -13.62
C PRO A 87 29.50 33.45 -14.57
N GLN A 88 29.97 32.26 -14.15
CA GLN A 88 30.54 31.32 -15.09
C GLN A 88 29.46 30.58 -15.88
N LYS A 89 28.22 30.57 -15.39
CA LYS A 89 27.09 29.92 -16.05
C LYS A 89 25.94 30.93 -16.11
N THR A 90 25.94 31.76 -17.14
CA THR A 90 24.89 32.76 -17.36
C THR A 90 24.06 32.36 -18.56
N SER A 91 22.74 32.43 -18.40
CA SER A 91 21.83 31.95 -19.44
C SER A 91 20.57 32.82 -19.43
N LEU A 92 19.58 32.42 -20.22
CA LEU A 92 18.32 33.15 -20.33
C LEU A 92 17.18 32.47 -19.59
N MET A 93 17.10 31.14 -19.63
CA MET A 93 16.07 30.44 -18.90
C MET A 93 16.41 30.27 -17.42
N MET A 94 17.67 30.43 -17.05
CA MET A 94 18.08 30.19 -15.66
C MET A 94 17.55 31.28 -14.74
N THR A 95 17.53 32.54 -15.19
CA THR A 95 17.00 33.60 -14.35
C THR A 95 15.50 33.41 -14.12
N LEU A 96 14.77 32.93 -15.15
CA LEU A 96 13.36 32.60 -14.96
C LEU A 96 13.19 31.43 -14.00
N CYS A 97 14.08 30.43 -14.09
CA CYS A 97 14.07 29.34 -13.13
C CYS A 97 14.23 29.83 -11.70
N LEU A 98 15.22 30.68 -11.44
CA LEU A 98 15.46 31.13 -10.07
C LEU A 98 14.34 32.04 -9.59
N GLY A 99 13.79 32.89 -10.47
CA GLY A 99 12.66 33.71 -10.08
C GLY A 99 11.42 32.89 -9.74
N SER A 100 11.16 31.84 -10.53
CA SER A 100 10.02 30.97 -10.25
C SER A 100 10.22 30.19 -8.97
N ILE A 101 11.46 29.77 -8.70
CA ILE A 101 11.76 29.12 -7.42
C ILE A 101 11.51 30.07 -6.27
N TYR A 102 11.89 31.34 -6.43
CA TYR A 102 11.65 32.35 -5.40
C TYR A 102 10.15 32.53 -5.15
N GLU A 103 9.35 32.62 -6.22
CA GLU A 103 7.92 32.83 -6.05
C GLU A 103 7.24 31.61 -5.43
N ASP A 104 7.65 30.40 -5.84
CA ASP A 104 7.11 29.19 -5.24
C ASP A 104 7.46 29.11 -3.76
N LEU A 105 8.69 29.47 -3.40
CA LEU A 105 9.08 29.50 -2.00
C LEU A 105 8.30 30.55 -1.23
N LYS A 106 7.98 31.67 -1.87
CA LYS A 106 7.16 32.70 -1.21
C LYS A 106 5.78 32.17 -0.86
N MET A 107 5.14 31.49 -1.82
CA MET A 107 3.84 30.91 -1.55
C MET A 107 3.92 29.85 -0.45
N TYR A 108 4.95 28.99 -0.53
CA TYR A 108 5.10 27.93 0.46
C TYR A 108 5.33 28.49 1.85
N GLN A 109 6.18 29.51 1.97
CA GLN A 109 6.46 30.10 3.28
C GLN A 109 5.24 30.80 3.85
N THR A 110 4.48 31.51 3.01
CA THR A 110 3.27 32.16 3.48
C THR A 110 2.27 31.14 4.00
N GLU A 111 2.05 30.06 3.25
CA GLU A 111 1.11 29.04 3.70
C GLU A 111 1.61 28.33 4.95
N PHE A 112 2.92 28.11 5.07
CA PHE A 112 3.45 27.42 6.24
C PHE A 112 3.35 28.29 7.48
N GLN A 113 3.60 29.60 7.37
CA GLN A 113 3.40 30.49 8.51
C GLN A 113 1.94 30.54 8.92
N ALA A 114 1.03 30.60 7.94
CA ALA A 114 -0.40 30.62 8.27
C ALA A 114 -0.82 29.33 8.97
N ILE A 115 -0.35 28.18 8.48
CA ILE A 115 -0.75 26.92 9.09
C ILE A 115 -0.10 26.75 10.45
N ASN A 116 1.10 27.28 10.67
CA ASN A 116 1.71 27.22 11.99
C ASN A 116 0.94 28.09 12.98
N ALA A 117 0.51 29.28 12.54
CA ALA A 117 -0.29 30.13 13.40
C ALA A 117 -1.63 29.47 13.74
N ALA A 118 -2.25 28.81 12.76
CA ALA A 118 -3.49 28.10 13.03
C ALA A 118 -3.29 26.84 13.85
N LEU A 119 -2.08 26.27 13.86
CA LEU A 119 -1.82 25.05 14.60
C LEU A 119 -1.42 25.29 16.04
N GLN A 120 -0.79 26.41 16.38
CA GLN A 120 -0.41 26.56 17.82
C GLN A 120 -1.60 27.04 18.64
N ASN A 121 -2.65 27.57 18.00
CA ASN A 121 -3.73 28.19 18.74
C ASN A 121 -4.69 27.20 19.40
N HIS A 122 -4.60 25.91 19.08
CA HIS A 122 -5.47 24.93 19.69
C HIS A 122 -4.73 24.14 20.76
N ASN A 123 -5.44 23.23 21.41
CA ASN A 123 -4.93 22.50 22.57
C ASN A 123 -4.44 21.10 22.21
N HIS A 124 -4.01 20.90 20.97
CA HIS A 124 -3.44 19.63 20.54
C HIS A 124 -1.96 19.82 20.26
N GLN A 125 -1.12 19.05 20.96
CA GLN A 125 0.33 19.13 20.82
C GLN A 125 0.90 17.99 19.98
N GLN A 126 0.03 17.29 19.24
CA GLN A 126 0.43 16.08 18.52
C GLN A 126 1.16 16.39 17.21
N ILE A 127 1.55 17.63 16.97
CA ILE A 127 2.36 18.00 15.81
C ILE A 127 3.17 19.25 16.17
N ILE A 128 4.40 19.30 15.67
CA ILE A 128 5.28 20.45 15.84
C ILE A 128 5.91 20.77 14.50
N LEU A 129 5.95 22.06 14.16
CA LEU A 129 6.63 22.53 12.95
C LEU A 129 7.92 23.21 13.40
N ASP A 130 9.02 22.46 13.33
CA ASP A 130 10.30 22.97 13.79
C ASP A 130 10.76 24.15 12.92
N LYS A 131 11.39 25.12 13.57
CA LYS A 131 11.78 26.36 12.90
C LYS A 131 13.02 26.23 12.04
N GLY A 132 13.68 25.06 12.06
CA GLY A 132 14.88 24.89 11.25
C GLY A 132 14.60 24.99 9.76
N MET A 133 13.54 24.35 9.30
CA MET A 133 13.18 24.47 7.89
C MET A 133 12.67 25.87 7.57
N LEU A 134 12.01 26.53 8.52
CA LEU A 134 11.53 27.89 8.29
C LEU A 134 12.68 28.86 8.12
N VAL A 135 13.69 28.79 9.00
CA VAL A 135 14.84 29.68 8.85
C VAL A 135 15.67 29.27 7.64
N ALA A 136 15.67 27.97 7.28
CA ALA A 136 16.35 27.56 6.06
C ALA A 136 15.71 28.21 4.84
N ILE A 137 14.38 28.20 4.77
CA ILE A 137 13.65 28.89 3.72
C ILE A 137 13.97 30.37 3.75
N ASP A 138 14.06 30.96 4.94
CA ASP A 138 14.30 32.40 5.06
C ASP A 138 15.69 32.80 4.55
N GLU A 139 16.73 32.05 4.89
CA GLU A 139 18.04 32.38 4.36
C GLU A 139 18.15 32.05 2.87
N LEU A 140 17.45 31.02 2.40
CA LEU A 140 17.36 30.80 0.96
C LEU A 140 16.67 31.96 0.26
N MET A 141 15.69 32.57 0.94
CA MET A 141 15.02 33.76 0.42
C MET A 141 15.99 34.92 0.32
N GLN A 142 16.68 35.21 1.42
CA GLN A 142 17.56 36.38 1.48
C GLN A 142 18.74 36.25 0.54
N SER A 143 19.20 35.02 0.30
CA SER A 143 20.25 34.81 -0.68
C SER A 143 19.75 34.94 -2.10
N LEU A 144 18.45 34.74 -2.34
CA LEU A 144 17.90 34.73 -3.68
C LEU A 144 17.32 36.07 -4.12
N ASN A 145 17.35 37.09 -3.26
CA ASN A 145 16.85 38.40 -3.66
C ASN A 145 17.52 39.46 -2.79
N HIS A 146 18.01 40.51 -3.44
CA HIS A 146 18.68 41.59 -2.74
C HIS A 146 17.98 42.92 -2.98
N PRO A 162 -8.64 22.87 13.53
CA PRO A 162 -9.50 21.69 13.45
C PRO A 162 -8.78 20.48 12.89
N TYR A 163 -9.47 19.72 12.03
CA TYR A 163 -8.90 18.54 11.41
C TYR A 163 -8.36 18.78 10.01
N ARG A 164 -8.88 19.79 9.30
CA ARG A 164 -8.45 20.06 7.94
C ARG A 164 -6.99 20.50 7.86
N VAL A 165 -6.50 21.16 8.90
CA VAL A 165 -5.18 21.78 8.84
C VAL A 165 -4.07 20.72 8.80
N LYS A 166 -4.24 19.62 9.52
CA LYS A 166 -3.17 18.63 9.57
C LYS A 166 -3.08 17.82 8.28
N MET A 167 -4.23 17.51 7.67
CA MET A 167 -4.19 16.83 6.38
C MET A 167 -3.73 17.77 5.27
N LYS A 168 -4.06 19.06 5.38
CA LYS A 168 -3.46 20.04 4.48
C LYS A 168 -1.95 20.10 4.65
N LEU A 169 -1.47 19.99 5.89
CA LEU A 169 -0.03 19.92 6.13
C LEU A 169 0.58 18.69 5.48
N CYS A 170 -0.10 17.56 5.57
CA CYS A 170 0.41 16.32 4.96
C CYS A 170 0.53 16.46 3.45
N ILE A 171 -0.48 17.02 2.79
CA ILE A 171 -0.40 17.15 1.34
C ILE A 171 0.62 18.24 0.94
N LEU A 172 0.74 19.30 1.75
CA LEU A 172 1.75 20.32 1.48
C LEU A 172 3.14 19.74 1.59
N LEU A 173 3.38 18.86 2.56
CA LEU A 173 4.65 18.18 2.66
C LEU A 173 4.89 17.25 1.48
N HIS A 174 3.85 16.53 1.05
CA HIS A 174 4.02 15.59 -0.04
C HIS A 174 4.36 16.31 -1.34
N ALA A 175 3.92 17.57 -1.49
CA ALA A 175 4.37 18.35 -2.63
C ALA A 175 5.74 19.00 -2.41
N PHE A 176 5.99 19.47 -1.18
CA PHE A 176 7.23 20.21 -0.91
C PHE A 176 8.46 19.30 -0.97
N SER A 177 8.29 18.00 -0.71
CA SER A 177 9.43 17.08 -0.83
C SER A 177 9.96 17.06 -2.27
N THR A 178 9.07 16.84 -3.24
CA THR A 178 9.49 16.86 -4.62
C THR A 178 9.97 18.25 -5.05
N ARG A 179 9.35 19.31 -4.50
CA ARG A 179 9.80 20.66 -4.84
C ARG A 179 11.23 20.91 -4.38
N VAL A 180 11.57 20.51 -3.15
CA VAL A 180 12.91 20.76 -2.66
C VAL A 180 13.93 19.86 -3.35
N VAL A 181 13.52 18.64 -3.75
CA VAL A 181 14.42 17.80 -4.53
C VAL A 181 14.74 18.46 -5.87
N THR A 182 13.72 19.00 -6.54
CA THR A 182 13.95 19.70 -7.80
C THR A 182 14.86 20.92 -7.60
N ILE A 183 14.63 21.67 -6.52
CA ILE A 183 15.45 22.85 -6.25
C ILE A 183 16.90 22.46 -6.02
N ASN A 184 17.12 21.39 -5.25
CA ASN A 184 18.48 20.92 -5.02
C ASN A 184 19.14 20.48 -6.32
N ARG A 185 18.40 19.79 -7.19
CA ARG A 185 18.95 19.35 -8.46
C ARG A 185 19.39 20.53 -9.31
N VAL A 186 18.51 21.52 -9.47
CA VAL A 186 18.85 22.63 -10.36
C VAL A 186 19.97 23.47 -9.77
N MET A 187 20.00 23.64 -8.45
CA MET A 187 21.05 24.49 -7.88
C MET A 187 22.39 23.76 -7.86
N GLY A 188 22.38 22.44 -7.70
CA GLY A 188 23.62 21.68 -7.83
C GLY A 188 24.16 21.71 -9.25
N TYR A 189 23.27 21.64 -10.24
CA TYR A 189 23.72 21.81 -11.62
C TYR A 189 24.26 23.21 -11.86
N LEU A 190 23.62 24.22 -11.29
CA LEU A 190 24.03 25.60 -11.55
C LEU A 190 25.35 25.93 -10.90
N SER A 191 25.61 25.39 -9.71
CA SER A 191 26.83 25.74 -8.98
C SER A 191 28.01 24.86 -9.39
N SER A 192 27.88 23.55 -9.22
CA SER A 192 28.96 22.63 -9.56
C SER A 192 29.05 22.42 -11.06
N MET B 1 -19.92 -9.19 -20.56
CA MET B 1 -20.48 -8.93 -21.87
C MET B 1 -20.00 -7.62 -22.47
N TRP B 2 -18.92 -7.68 -23.25
CA TRP B 2 -18.51 -6.53 -24.04
C TRP B 2 -17.62 -6.99 -25.18
N GLU B 3 -17.49 -6.13 -26.18
CA GLU B 3 -16.79 -6.43 -27.42
C GLU B 3 -15.33 -6.03 -27.28
N LEU B 4 -14.45 -7.03 -27.14
CA LEU B 4 -13.02 -6.73 -27.03
C LEU B 4 -12.46 -6.28 -28.36
N GLU B 5 -12.79 -6.99 -29.43
CA GLU B 5 -12.45 -6.58 -30.79
C GLU B 5 -13.52 -7.14 -31.71
N LYS B 6 -13.32 -6.95 -33.02
CA LYS B 6 -14.33 -7.33 -34.01
C LYS B 6 -14.63 -8.82 -33.94
N ASP B 7 -15.91 -9.15 -33.70
CA ASP B 7 -16.40 -10.53 -33.57
C ASP B 7 -15.71 -11.28 -32.43
N VAL B 8 -15.29 -10.56 -31.38
CA VAL B 8 -14.74 -11.18 -30.17
C VAL B 8 -15.44 -10.54 -28.99
N TYR B 9 -16.22 -11.34 -28.26
CA TYR B 9 -16.96 -10.88 -27.09
C TYR B 9 -16.45 -11.61 -25.86
N VAL B 10 -16.53 -10.95 -24.72
CA VAL B 10 -16.13 -11.53 -23.44
C VAL B 10 -17.27 -11.35 -22.44
N VAL B 11 -17.51 -12.38 -21.64
CA VAL B 11 -18.57 -12.39 -20.65
C VAL B 11 -17.96 -12.58 -19.27
N GLU B 12 -18.71 -12.15 -18.25
CA GLU B 12 -18.29 -12.26 -16.86
C GLU B 12 -19.11 -13.35 -16.20
N VAL B 13 -18.48 -14.51 -16.00
CA VAL B 13 -19.17 -15.67 -15.43
C VAL B 13 -18.69 -15.87 -14.00
N ASP B 14 -19.63 -15.91 -13.06
CA ASP B 14 -19.33 -16.19 -11.67
C ASP B 14 -18.96 -17.66 -11.52
N TRP B 15 -17.89 -17.94 -10.78
CA TRP B 15 -17.34 -19.28 -10.67
C TRP B 15 -17.90 -20.06 -9.49
N THR B 16 -19.10 -19.74 -9.07
CA THR B 16 -19.84 -20.46 -8.06
C THR B 16 -20.61 -21.61 -8.70
N PRO B 17 -20.48 -22.83 -8.14
CA PRO B 17 -21.11 -24.00 -8.76
C PRO B 17 -22.63 -23.91 -8.93
N ASP B 18 -23.33 -23.46 -7.90
CA ASP B 18 -24.79 -23.39 -7.97
C ASP B 18 -25.30 -22.16 -8.69
N ALA B 19 -24.45 -21.15 -8.89
CA ALA B 19 -24.91 -19.91 -9.49
C ALA B 19 -25.20 -20.10 -10.99
N PRO B 20 -26.21 -19.43 -11.51
CA PRO B 20 -26.51 -19.54 -12.94
C PRO B 20 -25.64 -18.62 -13.78
N GLY B 21 -25.50 -18.98 -15.05
CA GLY B 21 -24.65 -18.26 -15.98
C GLY B 21 -25.37 -17.12 -16.67
N GLU B 22 -24.76 -16.63 -17.73
CA GLU B 22 -25.27 -15.46 -18.44
C GLU B 22 -25.88 -15.91 -19.78
N THR B 23 -26.74 -15.06 -20.34
CA THR B 23 -27.40 -15.33 -21.61
C THR B 23 -26.81 -14.43 -22.69
N VAL B 24 -26.38 -15.04 -23.79
CA VAL B 24 -25.71 -14.33 -24.87
C VAL B 24 -26.54 -14.50 -26.14
N ASN B 25 -26.81 -13.39 -26.82
CA ASN B 25 -27.50 -13.42 -28.11
C ASN B 25 -26.47 -13.13 -29.20
N LEU B 26 -26.18 -14.12 -30.03
CA LEU B 26 -25.20 -14.01 -31.10
C LEU B 26 -25.90 -14.07 -32.44
N THR B 27 -25.60 -13.10 -33.30
CA THR B 27 -26.27 -12.97 -34.59
C THR B 27 -25.22 -12.93 -35.70
N CYS B 28 -25.37 -13.83 -36.67
CA CYS B 28 -24.56 -13.77 -37.88
C CYS B 28 -24.91 -12.50 -38.66
N ASP B 29 -23.88 -11.81 -39.15
CA ASP B 29 -24.01 -10.44 -39.64
C ASP B 29 -24.41 -10.36 -41.11
N THR B 30 -25.03 -11.40 -41.65
CA THR B 30 -25.53 -11.35 -43.03
C THR B 30 -26.93 -11.95 -43.07
N PRO B 31 -27.91 -11.22 -43.59
CA PRO B 31 -29.29 -11.74 -43.61
C PRO B 31 -29.57 -12.60 -44.83
N GLU B 32 -30.25 -13.73 -44.57
CA GLU B 32 -30.69 -14.64 -45.62
C GLU B 32 -32.04 -15.22 -45.23
N GLU B 33 -32.87 -15.46 -46.25
CA GLU B 33 -34.17 -16.10 -46.01
C GLU B 33 -34.01 -17.54 -45.56
N ASP B 34 -32.99 -18.24 -46.07
CA ASP B 34 -32.70 -19.59 -45.62
C ASP B 34 -32.25 -19.58 -44.16
N ASP B 35 -32.69 -20.59 -43.41
CA ASP B 35 -32.35 -20.69 -42.00
C ASP B 35 -30.85 -20.87 -41.82
N ILE B 36 -30.29 -20.16 -40.84
CA ILE B 36 -28.85 -20.15 -40.60
C ILE B 36 -28.51 -21.20 -39.56
N THR B 37 -27.59 -22.10 -39.90
CA THR B 37 -27.13 -23.12 -38.97
C THR B 37 -25.94 -22.61 -38.18
N TRP B 38 -25.74 -23.19 -36.99
CA TRP B 38 -24.65 -22.79 -36.12
C TRP B 38 -23.83 -24.01 -35.73
N THR B 39 -22.50 -23.84 -35.73
CA THR B 39 -21.59 -24.89 -35.31
C THR B 39 -20.59 -24.33 -34.31
N SER B 40 -20.06 -25.21 -33.48
CA SER B 40 -19.06 -24.87 -32.47
C SER B 40 -17.86 -25.80 -32.60
N ASP B 41 -16.72 -25.35 -32.06
CA ASP B 41 -15.53 -26.18 -32.03
C ASP B 41 -15.44 -27.05 -30.79
N GLN B 42 -16.02 -26.63 -29.67
CA GLN B 42 -16.03 -27.42 -28.44
C GLN B 42 -17.17 -28.44 -28.40
N ARG B 43 -18.09 -28.37 -29.35
CA ARG B 43 -19.22 -29.29 -29.39
C ARG B 43 -19.41 -29.79 -30.82
N HIS B 44 -20.03 -30.96 -30.93
CA HIS B 44 -20.25 -31.60 -32.22
C HIS B 44 -21.72 -31.53 -32.61
N GLY B 45 -21.96 -31.50 -33.91
CA GLY B 45 -23.31 -31.39 -34.45
C GLY B 45 -23.79 -29.96 -34.54
N VAL B 46 -24.92 -29.79 -35.22
CA VAL B 46 -25.53 -28.47 -35.34
C VAL B 46 -26.14 -28.07 -34.02
N ILE B 47 -25.82 -26.86 -33.55
CA ILE B 47 -26.25 -26.42 -32.24
C ILE B 47 -27.33 -25.34 -32.31
N GLY B 48 -27.41 -24.57 -33.40
CA GLY B 48 -28.34 -23.46 -33.47
C GLY B 48 -29.06 -23.43 -34.79
N SER B 49 -30.21 -22.73 -34.78
CA SER B 49 -31.03 -22.51 -35.95
C SER B 49 -31.42 -21.04 -36.01
N GLY B 50 -31.59 -20.54 -37.23
CA GLY B 50 -31.92 -19.15 -37.42
C GLY B 50 -30.70 -18.25 -37.35
N LYS B 51 -30.93 -16.96 -37.63
CA LYS B 51 -29.85 -15.99 -37.66
C LYS B 51 -29.42 -15.52 -36.27
N THR B 52 -30.21 -15.80 -35.23
CA THR B 52 -29.90 -15.38 -33.88
C THR B 52 -29.96 -16.58 -32.95
N LEU B 53 -28.89 -16.79 -32.19
CA LEU B 53 -28.77 -17.92 -31.28
C LEU B 53 -28.59 -17.43 -29.85
N THR B 54 -29.26 -18.10 -28.92
CA THR B 54 -29.14 -17.82 -27.50
C THR B 54 -28.29 -18.89 -26.84
N ILE B 55 -27.26 -18.46 -26.12
CA ILE B 55 -26.32 -19.35 -25.47
C ILE B 55 -26.31 -19.06 -23.98
N THR B 56 -26.50 -20.11 -23.17
CA THR B 56 -26.41 -20.00 -21.71
C THR B 56 -24.99 -20.32 -21.32
N VAL B 57 -24.15 -19.29 -21.25
CA VAL B 57 -22.74 -19.46 -20.91
C VAL B 57 -22.62 -19.70 -19.42
N LYS B 58 -22.04 -20.85 -19.06
CA LYS B 58 -21.84 -21.25 -17.68
C LYS B 58 -20.43 -21.69 -17.35
N GLU B 59 -19.65 -22.12 -18.34
CA GLU B 59 -18.35 -22.74 -18.11
C GLU B 59 -17.52 -22.58 -19.37
N PHE B 60 -16.27 -23.05 -19.32
CA PHE B 60 -15.38 -22.98 -20.47
C PHE B 60 -15.79 -23.93 -21.60
N LEU B 61 -16.70 -24.86 -21.33
CA LEU B 61 -17.21 -25.70 -22.42
C LEU B 61 -18.10 -24.90 -23.37
N ASP B 62 -18.81 -23.90 -22.85
CA ASP B 62 -19.73 -23.10 -23.65
C ASP B 62 -19.06 -21.88 -24.28
N ALA B 63 -17.75 -21.92 -24.48
CA ALA B 63 -17.01 -20.82 -25.10
C ALA B 63 -16.16 -21.37 -26.23
N GLY B 64 -15.52 -20.46 -26.97
CA GLY B 64 -14.62 -20.83 -28.04
C GLY B 64 -15.05 -20.21 -29.37
N GLN B 65 -15.08 -21.04 -30.40
CA GLN B 65 -15.38 -20.61 -31.76
C GLN B 65 -16.83 -20.96 -32.10
N TYR B 66 -17.60 -19.96 -32.51
CA TYR B 66 -18.95 -20.15 -33.02
C TYR B 66 -19.00 -19.68 -34.47
N THR B 67 -19.51 -20.53 -35.35
CA THR B 67 -19.57 -20.22 -36.78
C THR B 67 -20.99 -20.35 -37.28
N CYS B 68 -21.39 -19.42 -38.15
CA CYS B 68 -22.68 -19.48 -38.81
C CYS B 68 -22.49 -20.00 -40.23
N HIS B 69 -23.23 -21.05 -40.58
CA HIS B 69 -23.12 -21.72 -41.87
C HIS B 69 -24.47 -21.69 -42.57
N LYS B 70 -24.42 -21.51 -43.88
CA LYS B 70 -25.61 -21.61 -44.74
C LYS B 70 -25.25 -22.47 -45.94
N GLY B 71 -26.13 -23.40 -46.28
CA GLY B 71 -25.90 -24.27 -47.41
C GLY B 71 -24.66 -25.12 -47.19
N GLY B 72 -23.69 -24.98 -48.09
CA GLY B 72 -22.42 -25.64 -47.93
C GLY B 72 -21.28 -24.67 -47.72
N GLU B 73 -21.57 -23.48 -47.17
CA GLU B 73 -20.54 -22.48 -46.94
C GLU B 73 -20.76 -21.83 -45.59
N THR B 74 -19.75 -21.07 -45.17
CA THR B 74 -19.82 -20.28 -43.95
C THR B 74 -20.06 -18.82 -44.28
N LEU B 75 -20.56 -18.07 -43.31
CA LEU B 75 -20.80 -16.64 -43.47
C LEU B 75 -19.94 -15.76 -42.58
N SER B 76 -19.80 -16.13 -41.31
CA SER B 76 -19.00 -15.34 -40.37
C SER B 76 -18.59 -16.24 -39.21
N HIS B 77 -17.61 -15.76 -38.45
CA HIS B 77 -17.18 -16.44 -37.24
C HIS B 77 -17.08 -15.43 -36.11
N SER B 78 -17.34 -15.89 -34.89
CA SER B 78 -17.30 -15.02 -33.73
C SER B 78 -16.76 -15.79 -32.53
N HIS B 79 -15.74 -15.24 -31.88
CA HIS B 79 -15.15 -15.85 -30.72
C HIS B 79 -15.89 -15.43 -29.45
N LEU B 80 -15.64 -16.16 -28.37
CA LEU B 80 -16.28 -15.88 -27.09
C LEU B 80 -15.35 -16.31 -25.98
N LEU B 81 -14.92 -15.35 -25.17
CA LEU B 81 -14.03 -15.61 -24.06
C LEU B 81 -14.80 -15.56 -22.74
N LEU B 82 -14.12 -15.92 -21.65
CA LEU B 82 -14.69 -15.85 -20.32
C LEU B 82 -13.81 -14.97 -19.45
N HIS B 83 -14.42 -14.43 -18.39
CA HIS B 83 -13.70 -13.67 -17.37
C HIS B 83 -14.19 -14.16 -16.02
N LYS B 84 -13.37 -14.95 -15.34
CA LYS B 84 -13.77 -15.58 -14.09
C LYS B 84 -13.96 -14.53 -12.99
N LYS B 85 -15.01 -14.72 -12.20
CA LYS B 85 -15.28 -13.90 -11.03
C LYS B 85 -15.56 -14.83 -9.86
N GLU B 86 -14.90 -14.58 -8.74
CA GLU B 86 -14.94 -15.50 -7.59
C GLU B 86 -15.17 -14.68 -6.32
N ASN B 87 -16.35 -14.84 -5.71
CA ASN B 87 -16.72 -14.18 -4.46
C ASN B 87 -16.62 -12.65 -4.57
N GLY B 88 -16.89 -12.12 -5.75
CA GLY B 88 -16.76 -10.70 -6.00
C GLY B 88 -15.37 -10.25 -6.38
N ILE B 89 -14.38 -11.14 -6.29
CA ILE B 89 -13.00 -10.81 -6.63
C ILE B 89 -12.66 -11.50 -7.94
N TRP B 90 -12.26 -10.71 -8.93
CA TRP B 90 -11.89 -11.23 -10.27
C TRP B 90 -10.62 -12.07 -10.13
N SER B 91 -10.51 -13.19 -10.88
CA SER B 91 -9.40 -14.13 -10.78
C SER B 91 -8.11 -13.53 -11.33
N THR B 92 -6.98 -14.02 -10.80
CA THR B 92 -5.64 -13.69 -11.29
C THR B 92 -4.86 -14.99 -11.31
N GLU B 93 -4.91 -15.70 -12.45
CA GLU B 93 -4.31 -17.03 -12.54
C GLU B 93 -3.32 -17.19 -13.69
N ILE B 94 -3.37 -16.35 -14.72
CA ILE B 94 -2.40 -16.47 -15.81
C ILE B 94 -1.02 -16.04 -15.34
N LEU B 95 -0.95 -14.98 -14.55
CA LEU B 95 0.32 -14.45 -14.07
C LEU B 95 0.59 -14.95 -12.65
N LYS B 96 1.88 -14.95 -12.29
CA LYS B 96 2.33 -15.35 -10.98
C LYS B 96 2.97 -14.14 -10.28
N ASN B 97 2.59 -13.93 -9.03
CA ASN B 97 3.10 -12.78 -8.30
C ASN B 97 4.58 -12.94 -7.99
N PHE B 98 5.24 -11.79 -7.81
CA PHE B 98 6.67 -11.76 -7.51
C PHE B 98 6.89 -12.06 -6.02
N LYS B 99 8.10 -11.83 -5.54
CA LYS B 99 8.38 -12.01 -4.11
C LYS B 99 7.62 -11.00 -3.26
N ASN B 100 7.47 -9.77 -3.75
CA ASN B 100 6.77 -8.71 -3.02
C ASN B 100 5.27 -8.69 -3.29
N LYS B 101 4.69 -9.82 -3.71
CA LYS B 101 3.26 -10.01 -3.89
C LYS B 101 2.65 -9.06 -4.92
N THR B 102 3.44 -8.64 -5.92
CA THR B 102 2.92 -7.84 -7.02
C THR B 102 3.06 -8.61 -8.31
N PHE B 103 2.27 -8.21 -9.31
CA PHE B 103 2.20 -8.96 -10.56
C PHE B 103 3.08 -8.36 -11.65
N LEU B 104 3.07 -7.04 -11.81
CA LEU B 104 3.88 -6.37 -12.81
C LEU B 104 5.06 -5.68 -12.16
N LYS B 105 6.26 -5.96 -12.65
CA LYS B 105 7.48 -5.36 -12.13
C LYS B 105 8.10 -4.52 -13.24
N CYS B 106 8.13 -3.20 -13.05
CA CYS B 106 8.66 -2.29 -14.05
C CYS B 106 9.90 -1.58 -13.51
N GLU B 107 10.87 -1.38 -14.39
CA GLU B 107 12.17 -0.87 -14.00
C GLU B 107 12.71 0.03 -15.11
N ALA B 108 13.34 1.14 -14.71
CA ALA B 108 13.94 2.07 -15.66
C ALA B 108 15.40 2.29 -15.30
N PRO B 109 16.28 2.43 -16.30
CA PRO B 109 17.71 2.57 -16.01
C PRO B 109 18.15 4.00 -15.79
N ASN B 110 17.38 4.98 -16.26
CA ASN B 110 17.74 6.39 -16.16
C ASN B 110 16.49 7.23 -16.38
N TYR B 111 16.68 8.55 -16.36
CA TYR B 111 15.58 9.50 -16.57
C TYR B 111 15.48 9.88 -18.04
N SER B 112 15.34 8.85 -18.89
CA SER B 112 15.22 9.04 -20.32
C SER B 112 13.81 8.88 -20.85
N GLY B 113 12.89 8.34 -20.05
CA GLY B 113 11.53 8.13 -20.48
C GLY B 113 11.23 6.75 -21.03
N ARG B 114 12.16 5.80 -20.90
CA ARG B 114 11.96 4.44 -21.36
C ARG B 114 12.13 3.49 -20.18
N PHE B 115 11.39 2.39 -20.20
CA PHE B 115 11.43 1.43 -19.10
C PHE B 115 11.06 0.04 -19.63
N THR B 116 11.18 -0.94 -18.74
CA THR B 116 10.93 -2.34 -19.07
C THR B 116 9.99 -2.92 -18.02
N CYS B 117 8.87 -3.48 -18.48
CA CYS B 117 7.88 -4.07 -17.59
C CYS B 117 7.86 -5.58 -17.83
N SER B 118 7.97 -6.35 -16.75
CA SER B 118 8.07 -7.80 -16.84
C SER B 118 7.10 -8.45 -15.88
N TRP B 119 6.69 -9.67 -16.24
CA TRP B 119 5.80 -10.46 -15.40
C TRP B 119 6.19 -11.93 -15.53
N LEU B 120 5.57 -12.76 -14.69
CA LEU B 120 5.90 -14.17 -14.58
C LEU B 120 4.66 -15.00 -14.89
N VAL B 121 4.64 -15.67 -16.03
CA VAL B 121 3.53 -16.52 -16.41
C VAL B 121 3.60 -17.83 -15.63
N GLN B 122 2.52 -18.61 -15.66
CA GLN B 122 2.48 -19.90 -15.00
C GLN B 122 2.49 -21.06 -15.98
N ARG B 123 1.91 -20.90 -17.16
CA ARG B 123 1.95 -21.91 -18.21
C ARG B 123 2.20 -21.20 -19.54
N ASN B 124 2.56 -21.97 -20.56
CA ASN B 124 3.13 -21.41 -21.78
C ASN B 124 2.45 -21.97 -23.03
N MET B 125 1.12 -21.96 -23.05
CA MET B 125 0.37 -22.31 -24.24
C MET B 125 -0.65 -21.21 -24.54
N ASP B 126 -0.52 -20.60 -25.72
CA ASP B 126 -1.50 -19.66 -26.26
C ASP B 126 -1.70 -18.45 -25.35
N LEU B 127 -0.64 -17.65 -25.21
CA LEU B 127 -0.70 -16.40 -24.48
C LEU B 127 -0.58 -15.24 -25.47
N LYS B 128 -1.55 -14.34 -25.46
CA LYS B 128 -1.56 -13.15 -26.30
C LYS B 128 -1.71 -11.92 -25.40
N PHE B 129 -0.58 -11.38 -24.94
CA PHE B 129 -0.61 -10.23 -24.06
C PHE B 129 -0.75 -8.94 -24.86
N ASN B 130 -1.14 -7.88 -24.14
CA ASN B 130 -1.30 -6.56 -24.75
C ASN B 130 -1.22 -5.53 -23.64
N ILE B 131 -0.26 -4.62 -23.75
CA ILE B 131 -0.05 -3.57 -22.75
C ILE B 131 -0.30 -2.22 -23.39
N LYS B 132 -1.12 -1.40 -22.73
CA LYS B 132 -1.46 -0.09 -23.26
C LYS B 132 -1.71 0.87 -22.10
N SER B 133 -1.60 2.16 -22.40
CA SER B 133 -1.80 3.20 -21.40
C SER B 133 -3.29 3.38 -21.15
N SER B 134 -3.76 2.96 -19.99
CA SER B 134 -5.17 3.08 -19.65
C SER B 134 -5.51 4.53 -19.30
N SER B 135 -5.80 5.33 -20.31
CA SER B 135 -6.07 6.74 -20.11
C SER B 135 -7.41 6.94 -19.40
N SER B 136 -7.45 7.95 -18.54
CA SER B 136 -8.66 8.32 -17.82
C SER B 136 -8.90 9.82 -17.85
N SER B 137 -8.07 10.58 -18.56
CA SER B 137 -8.19 12.03 -18.64
C SER B 137 -7.54 12.50 -19.92
N PRO B 138 -8.00 13.61 -20.50
CA PRO B 138 -7.35 14.13 -21.72
C PRO B 138 -5.91 14.59 -21.51
N ASP B 139 -5.51 14.89 -20.29
CA ASP B 139 -4.16 15.33 -19.99
C ASP B 139 -3.28 14.22 -19.42
N SER B 140 -3.74 12.97 -19.46
CA SER B 140 -2.96 11.86 -18.93
C SER B 140 -1.74 11.61 -19.79
N ARG B 141 -0.62 11.27 -19.15
CA ARG B 141 0.61 11.01 -19.87
C ARG B 141 0.51 9.69 -20.62
N ALA B 142 0.95 9.69 -21.88
CA ALA B 142 0.74 8.57 -22.78
C ALA B 142 2.07 7.91 -23.13
N VAL B 143 2.06 6.58 -23.19
CA VAL B 143 3.23 5.80 -23.58
C VAL B 143 2.89 5.04 -24.87
N THR B 144 3.95 4.60 -25.56
CA THR B 144 3.83 3.81 -26.78
C THR B 144 4.56 2.50 -26.55
N CYS B 145 3.86 1.52 -25.97
CA CYS B 145 4.48 0.26 -25.62
C CYS B 145 4.64 -0.63 -26.84
N GLY B 146 5.67 -1.47 -26.82
CA GLY B 146 5.97 -2.37 -27.90
C GLY B 146 5.38 -3.76 -27.69
N MET B 147 5.87 -4.70 -28.49
CA MET B 147 5.38 -6.07 -28.43
C MET B 147 6.06 -6.84 -27.31
N ALA B 148 5.25 -7.60 -26.55
CA ALA B 148 5.78 -8.41 -25.47
C ALA B 148 6.59 -9.57 -26.03
N SER B 149 7.71 -9.86 -25.37
CA SER B 149 8.64 -10.89 -25.81
C SER B 149 9.08 -11.74 -24.63
N LEU B 150 9.34 -13.01 -24.92
CA LEU B 150 9.83 -13.94 -23.90
C LEU B 150 11.27 -13.59 -23.51
N SER B 151 11.59 -13.82 -22.23
CA SER B 151 12.96 -13.66 -21.74
C SER B 151 13.44 -14.98 -21.17
N ALA B 152 14.72 -15.28 -21.37
CA ALA B 152 15.31 -16.56 -20.98
C ALA B 152 15.77 -16.59 -19.53
N GLU B 153 15.36 -15.63 -18.71
CA GLU B 153 15.75 -15.58 -17.30
C GLU B 153 14.63 -16.22 -16.46
N LYS B 154 14.63 -17.54 -16.44
CA LYS B 154 13.63 -18.30 -15.68
C LYS B 154 13.89 -18.10 -14.19
N VAL B 155 13.02 -17.36 -13.52
CA VAL B 155 13.24 -17.00 -12.12
C VAL B 155 12.84 -18.20 -11.24
N THR B 156 13.33 -18.20 -10.00
CA THR B 156 13.06 -19.28 -9.06
C THR B 156 12.26 -18.73 -7.88
N LEU B 157 11.01 -19.17 -7.76
CA LEU B 157 10.18 -18.91 -6.59
C LEU B 157 9.55 -20.22 -6.16
N ASP B 158 9.38 -20.38 -4.84
CA ASP B 158 8.87 -21.61 -4.22
C ASP B 158 9.78 -22.79 -4.61
N GLN B 159 11.08 -22.51 -4.75
CA GLN B 159 12.06 -23.47 -5.24
C GLN B 159 11.62 -24.10 -6.57
N ARG B 160 11.05 -23.26 -7.44
CA ARG B 160 10.41 -23.73 -8.66
C ARG B 160 10.62 -22.68 -9.75
N ASP B 161 10.85 -23.15 -10.97
CA ASP B 161 11.08 -22.26 -12.09
C ASP B 161 9.79 -21.63 -12.56
N TYR B 162 9.85 -20.33 -12.87
CA TYR B 162 8.75 -19.60 -13.48
C TYR B 162 9.32 -18.82 -14.65
N GLU B 163 8.62 -18.88 -15.78
CA GLU B 163 9.11 -18.30 -17.02
C GLU B 163 8.65 -16.86 -17.14
N LYS B 164 9.52 -16.02 -17.70
CA LYS B 164 9.43 -14.57 -17.57
C LYS B 164 9.17 -13.92 -18.92
N TYR B 165 8.18 -13.03 -18.95
CA TYR B 165 7.89 -12.23 -20.13
C TYR B 165 8.24 -10.78 -19.86
N SER B 166 8.71 -10.08 -20.89
CA SER B 166 9.18 -8.72 -20.74
C SER B 166 8.72 -7.89 -21.93
N VAL B 167 8.49 -6.60 -21.69
CA VAL B 167 8.10 -5.67 -22.73
C VAL B 167 8.81 -4.34 -22.49
N SER B 168 9.17 -3.66 -23.57
CA SER B 168 9.87 -2.38 -23.50
C SER B 168 8.89 -1.28 -23.87
N CYS B 169 8.79 -0.26 -23.03
CA CYS B 169 7.89 0.85 -23.27
C CYS B 169 8.66 2.16 -23.20
N GLN B 170 8.11 3.19 -23.85
CA GLN B 170 8.73 4.51 -23.85
C GLN B 170 7.64 5.56 -23.75
N GLU B 171 7.74 6.43 -22.75
CA GLU B 171 6.86 7.58 -22.65
C GLU B 171 7.36 8.70 -23.56
N ASP B 172 6.43 9.32 -24.28
CA ASP B 172 6.75 10.44 -25.15
C ASP B 172 5.98 11.67 -24.72
N VAL B 173 6.64 12.82 -24.70
CA VAL B 173 6.04 14.09 -24.33
C VAL B 173 6.44 15.13 -25.38
N THR B 174 5.70 16.25 -25.39
CA THR B 174 5.98 17.30 -26.36
C THR B 174 7.32 18.00 -26.07
N CYS B 175 7.62 18.23 -24.79
CA CYS B 175 8.93 18.73 -24.37
C CYS B 175 9.07 18.39 -22.89
N PRO B 176 10.24 17.92 -22.45
CA PRO B 176 10.34 17.32 -21.12
C PRO B 176 10.21 18.34 -20.00
N THR B 177 9.73 17.86 -18.86
CA THR B 177 9.50 18.68 -17.68
C THR B 177 10.63 18.45 -16.67
N ALA B 178 10.55 19.18 -15.56
CA ALA B 178 11.55 19.08 -14.50
C ALA B 178 11.24 17.97 -13.51
N GLU B 179 9.96 17.66 -13.29
CA GLU B 179 9.58 16.62 -12.35
C GLU B 179 8.35 15.89 -12.89
N GLU B 180 7.91 14.90 -12.14
CA GLU B 180 6.78 14.05 -12.51
C GLU B 180 5.63 14.29 -11.56
N THR B 181 4.44 14.56 -12.10
CA THR B 181 3.26 14.86 -11.31
C THR B 181 2.20 13.77 -11.41
N LEU B 182 1.74 13.46 -12.62
CA LEU B 182 0.70 12.45 -12.81
C LEU B 182 1.36 11.13 -13.14
N PRO B 183 1.18 10.09 -12.33
CA PRO B 183 1.91 8.84 -12.56
C PRO B 183 1.47 8.11 -13.82
N ILE B 184 2.40 7.34 -14.37
CA ILE B 184 2.09 6.45 -15.48
C ILE B 184 1.22 5.31 -14.97
N GLU B 185 0.08 5.12 -15.63
CA GLU B 185 -0.83 4.03 -15.32
C GLU B 185 -0.93 3.12 -16.54
N LEU B 186 -0.85 1.81 -16.31
CA LEU B 186 -0.79 0.85 -17.40
C LEU B 186 -1.78 -0.28 -17.14
N ALA B 187 -2.32 -0.81 -18.25
CA ALA B 187 -3.28 -1.91 -18.22
C ALA B 187 -2.79 -3.03 -19.12
N LEU B 188 -2.91 -4.26 -18.63
CA LEU B 188 -2.50 -5.45 -19.35
C LEU B 188 -3.71 -6.33 -19.59
N GLU B 189 -3.85 -6.83 -20.82
CA GLU B 189 -4.97 -7.66 -21.22
C GLU B 189 -4.43 -9.06 -21.52
N ALA B 190 -4.31 -9.88 -20.48
CA ALA B 190 -3.79 -11.22 -20.65
C ALA B 190 -4.91 -12.17 -21.05
N ARG B 191 -4.58 -13.15 -21.89
CA ARG B 191 -5.56 -14.18 -22.21
C ARG B 191 -4.83 -15.48 -22.51
N GLN B 192 -5.43 -16.57 -22.04
CA GLN B 192 -4.93 -17.93 -22.24
C GLN B 192 -6.03 -18.72 -22.94
N GLN B 193 -6.06 -18.59 -24.26
CA GLN B 193 -6.70 -19.47 -25.24
C GLN B 193 -8.22 -19.51 -25.15
N ASN B 194 -8.78 -19.20 -23.98
CA ASN B 194 -10.19 -18.83 -23.88
C ASN B 194 -10.39 -17.85 -22.73
N LYS B 195 -9.41 -17.77 -21.83
CA LYS B 195 -9.60 -17.11 -20.55
C LYS B 195 -9.02 -15.71 -20.59
N TYR B 196 -9.81 -14.73 -20.16
CA TYR B 196 -9.42 -13.32 -20.22
C TYR B 196 -9.23 -12.77 -18.81
N GLU B 197 -8.07 -12.16 -18.57
CA GLU B 197 -7.77 -11.50 -17.30
C GLU B 197 -7.25 -10.10 -17.58
N ASN B 198 -7.61 -9.15 -16.71
CA ASN B 198 -7.20 -7.76 -16.85
C ASN B 198 -6.34 -7.45 -15.64
N TYR B 199 -5.13 -6.93 -15.88
CA TYR B 199 -4.26 -6.46 -14.81
C TYR B 199 -4.01 -4.97 -14.96
N SER B 200 -3.66 -4.33 -13.85
CA SER B 200 -3.42 -2.90 -13.87
C SER B 200 -2.28 -2.56 -12.92
N THR B 201 -1.62 -1.44 -13.20
CA THR B 201 -0.57 -0.94 -12.33
C THR B 201 -0.43 0.57 -12.52
N SER B 202 0.21 1.20 -11.55
CA SER B 202 0.46 2.63 -11.61
C SER B 202 1.73 2.95 -10.84
N PHE B 203 2.58 3.79 -11.42
CA PHE B 203 3.86 4.09 -10.82
C PHE B 203 4.38 5.41 -11.39
N PHE B 204 5.34 6.00 -10.69
CA PHE B 204 6.12 7.10 -11.23
C PHE B 204 7.39 6.52 -11.85
N ILE B 205 8.07 7.35 -12.66
CA ILE B 205 9.34 6.94 -13.25
C ILE B 205 10.52 7.36 -12.38
N ARG B 206 10.27 7.79 -11.14
CA ARG B 206 11.33 8.17 -10.22
C ARG B 206 11.51 7.19 -9.06
N ASP B 207 10.50 6.39 -8.74
CA ASP B 207 10.61 5.37 -7.71
C ASP B 207 10.85 3.98 -8.28
N ILE B 208 11.07 3.87 -9.58
CA ILE B 208 11.43 2.61 -10.23
C ILE B 208 12.80 2.64 -10.86
N ILE B 209 13.60 3.69 -10.59
CA ILE B 209 14.91 3.81 -11.20
C ILE B 209 15.86 2.79 -10.58
N LYS B 210 16.51 2.00 -11.42
CA LYS B 210 17.54 1.07 -10.99
C LYS B 210 18.79 1.33 -11.81
N PRO B 211 19.80 2.00 -11.27
CA PRO B 211 20.98 2.34 -12.07
C PRO B 211 21.85 1.13 -12.37
N ASP B 212 22.94 1.36 -13.09
CA ASP B 212 23.88 0.33 -13.50
C ASP B 212 25.10 0.33 -12.60
N PRO B 213 25.81 -0.79 -12.50
CA PRO B 213 27.02 -0.83 -11.67
C PRO B 213 28.10 0.06 -12.24
N PRO B 214 29.03 0.54 -11.42
CA PRO B 214 30.17 1.32 -11.92
C PRO B 214 31.00 0.48 -12.89
N LYS B 215 31.50 1.14 -13.94
CA LYS B 215 32.05 0.41 -15.08
C LYS B 215 33.55 0.15 -14.93
N ASN B 216 34.31 1.07 -14.32
CA ASN B 216 35.79 0.87 -14.32
C ASN B 216 36.34 0.73 -12.90
N LEU B 217 35.83 -0.21 -12.10
CA LEU B 217 36.34 -0.20 -10.71
C LEU B 217 37.77 -0.77 -10.68
N GLN B 218 38.71 -0.04 -10.08
CA GLN B 218 40.14 -0.44 -10.09
C GLN B 218 40.65 -0.32 -8.67
N MET B 219 41.92 0.08 -8.48
CA MET B 219 42.46 0.11 -7.13
C MET B 219 43.89 0.62 -7.19
N LYS B 220 44.23 1.53 -6.30
CA LYS B 220 45.57 2.08 -6.21
C LYS B 220 46.17 1.72 -4.85
N PRO B 221 47.39 1.11 -4.81
CA PRO B 221 48.05 0.91 -3.53
C PRO B 221 48.60 2.21 -2.94
N LEU B 222 48.54 2.38 -1.62
CA LEU B 222 49.14 3.58 -0.97
C LEU B 222 49.98 3.17 0.25
N LYS B 223 50.52 4.13 1.00
CA LYS B 223 51.46 3.84 2.13
C LYS B 223 50.78 3.29 3.40
N ASN B 224 51.52 2.53 4.22
CA ASN B 224 51.03 1.96 5.52
C ASN B 224 49.79 1.06 5.41
N SER B 225 49.72 0.16 4.43
CA SER B 225 48.59 -0.82 4.32
C SER B 225 47.21 -0.14 4.16
N GLN B 226 47.14 1.01 3.47
CA GLN B 226 45.82 1.64 3.20
C GLN B 226 45.69 1.83 1.67
N VAL B 227 44.53 1.54 1.07
CA VAL B 227 44.44 1.61 -0.43
C VAL B 227 43.37 2.60 -0.92
N GLU B 228 43.26 2.79 -2.25
CA GLU B 228 42.32 3.69 -2.87
C GLU B 228 41.44 2.90 -3.83
N VAL B 229 40.13 3.12 -3.76
CA VAL B 229 39.17 2.47 -4.64
C VAL B 229 38.49 3.57 -5.45
N SER B 230 38.59 3.49 -6.78
CA SER B 230 38.04 4.49 -7.67
C SER B 230 37.10 3.84 -8.67
N TRP B 231 36.06 4.57 -9.05
CA TRP B 231 35.06 4.06 -9.98
C TRP B 231 34.68 5.18 -10.96
N GLU B 232 33.61 4.95 -11.70
CA GLU B 232 33.15 5.90 -12.70
C GLU B 232 31.63 5.80 -12.81
N TYR B 233 31.02 6.89 -13.26
CA TYR B 233 29.59 6.89 -13.50
C TYR B 233 29.26 5.96 -14.68
N PRO B 234 28.15 5.25 -14.62
CA PRO B 234 27.76 4.41 -15.77
C PRO B 234 27.45 5.26 -16.99
N ASP B 235 27.76 4.70 -18.16
CA ASP B 235 27.54 5.41 -19.42
C ASP B 235 26.08 5.45 -19.81
N SER B 236 25.24 4.58 -19.28
CA SER B 236 23.82 4.58 -19.56
C SER B 236 23.03 5.55 -18.69
N TRP B 237 23.63 6.08 -17.63
CA TRP B 237 22.95 7.02 -16.76
C TRP B 237 22.76 8.36 -17.47
N SER B 238 21.70 9.07 -17.08
CA SER B 238 21.35 10.32 -17.72
C SER B 238 22.41 11.38 -17.48
N THR B 239 22.54 12.29 -18.45
CA THR B 239 23.53 13.34 -18.44
C THR B 239 22.86 14.71 -18.38
N PRO B 240 23.49 15.71 -17.75
CA PRO B 240 24.78 15.70 -17.05
C PRO B 240 24.70 15.07 -15.66
N HIS B 241 25.85 14.74 -15.09
CA HIS B 241 25.89 14.11 -13.77
C HIS B 241 25.84 15.11 -12.63
N SER B 242 25.97 16.40 -12.91
CA SER B 242 25.83 17.41 -11.87
C SER B 242 24.36 17.62 -11.50
N TYR B 243 23.45 17.46 -12.46
CA TYR B 243 22.02 17.62 -12.23
C TYR B 243 21.37 16.32 -11.78
N PHE B 244 21.75 15.20 -12.38
CA PHE B 244 21.35 13.87 -11.91
C PHE B 244 22.54 13.27 -11.17
N SER B 245 22.43 13.17 -9.84
CA SER B 245 23.54 12.76 -9.01
C SER B 245 23.29 11.38 -8.40
N LEU B 246 24.36 10.77 -7.91
CA LEU B 246 24.32 9.44 -7.30
C LEU B 246 25.11 9.43 -6.00
N LYS B 247 24.75 8.50 -5.13
CA LYS B 247 25.55 8.18 -3.95
C LYS B 247 25.93 6.71 -4.02
N PHE B 248 27.22 6.44 -3.86
CA PHE B 248 27.75 5.09 -4.00
C PHE B 248 27.96 4.45 -2.64
N PHE B 249 27.81 3.12 -2.61
CA PHE B 249 27.99 2.33 -1.40
C PHE B 249 29.18 1.40 -1.59
N VAL B 250 30.04 1.34 -0.57
CA VAL B 250 31.27 0.56 -0.62
C VAL B 250 31.25 -0.46 0.51
N ARG B 251 31.56 -1.71 0.20
CA ARG B 251 31.58 -2.78 1.19
C ARG B 251 32.75 -3.71 0.91
N ILE B 252 33.46 -4.10 1.96
CA ILE B 252 34.64 -4.96 1.85
C ILE B 252 34.24 -6.37 2.20
N GLN B 253 34.50 -7.31 1.29
CA GLN B 253 34.20 -8.72 1.51
C GLN B 253 35.39 -9.59 1.16
N GLY B 270 26.23 -4.20 6.02
CA GLY B 270 27.18 -3.25 6.59
C GLY B 270 28.06 -2.59 5.55
N ALA B 271 27.72 -1.34 5.22
CA ALA B 271 28.47 -0.59 4.22
C ALA B 271 28.35 0.90 4.53
N PHE B 272 29.30 1.67 4.01
CA PHE B 272 29.33 3.11 4.21
C PHE B 272 29.21 3.81 2.86
N LEU B 273 28.47 4.91 2.83
CA LEU B 273 28.15 5.60 1.60
C LEU B 273 29.18 6.70 1.30
N VAL B 274 29.50 6.85 0.02
CA VAL B 274 30.44 7.87 -0.45
C VAL B 274 29.76 8.66 -1.56
N GLU B 275 29.84 9.99 -1.48
CA GLU B 275 29.29 10.86 -2.52
C GLU B 275 30.31 11.25 -3.57
N LYS B 276 31.58 10.93 -3.37
CA LYS B 276 32.63 11.21 -4.34
C LYS B 276 32.96 9.94 -5.12
N THR B 277 33.60 10.10 -6.27
CA THR B 277 33.97 8.98 -7.13
C THR B 277 35.30 8.35 -6.75
N SER B 278 35.76 8.54 -5.52
CA SER B 278 37.02 7.96 -5.06
C SER B 278 37.00 7.86 -3.55
N THR B 279 37.40 6.71 -3.01
CA THR B 279 37.42 6.50 -1.56
C THR B 279 38.74 5.85 -1.17
N GLU B 280 39.06 5.94 0.12
CA GLU B 280 40.24 5.30 0.69
C GLU B 280 39.83 4.47 1.89
N VAL B 281 40.40 3.26 1.99
CA VAL B 281 40.08 2.34 3.09
C VAL B 281 41.14 1.26 3.09
N GLN B 282 41.39 0.69 4.28
CA GLN B 282 42.29 -0.44 4.40
C GLN B 282 41.55 -1.73 4.06
N CYS B 283 42.29 -2.69 3.53
CA CYS B 283 41.69 -3.92 3.02
C CYS B 283 41.80 -5.05 4.05
N LYS B 284 41.03 -6.10 3.82
CA LYS B 284 41.06 -7.29 4.65
C LYS B 284 41.64 -8.51 3.95
N GLY B 285 41.80 -8.48 2.63
CA GLY B 285 42.30 -9.61 1.89
C GLY B 285 41.25 -10.30 1.06
N GLY B 286 40.25 -9.53 0.61
CA GLY B 286 39.15 -10.07 -0.15
C GLY B 286 38.63 -9.04 -1.14
N ASN B 287 37.59 -9.41 -1.91
CA ASN B 287 37.14 -8.52 -3.01
C ASN B 287 36.33 -7.31 -2.53
N VAL B 288 36.88 -6.11 -2.63
CA VAL B 288 36.15 -4.86 -2.29
C VAL B 288 35.11 -4.59 -3.39
N CYS B 289 33.92 -4.06 -3.06
CA CYS B 289 32.85 -3.86 -4.07
C CYS B 289 32.06 -2.57 -3.88
N VAL B 290 31.65 -1.91 -4.95
CA VAL B 290 30.79 -0.71 -4.90
C VAL B 290 29.47 -0.94 -5.61
N GLN B 291 28.41 -0.25 -5.21
CA GLN B 291 27.12 -0.20 -5.89
C GLN B 291 26.67 1.25 -5.97
N ALA B 292 25.70 1.51 -6.84
CA ALA B 292 25.23 2.86 -7.09
C ALA B 292 23.75 2.97 -6.73
N GLN B 293 23.34 4.19 -6.37
CA GLN B 293 21.97 4.47 -6.01
C GLN B 293 21.71 5.95 -6.23
N ASP B 294 20.45 6.30 -6.49
CA ASP B 294 20.09 7.70 -6.63
C ASP B 294 20.22 8.40 -5.28
N ARG B 295 20.75 9.62 -5.31
CA ARG B 295 21.09 10.31 -4.07
C ARG B 295 19.84 10.75 -3.32
N TYR B 296 18.81 11.20 -4.03
CA TYR B 296 17.67 11.84 -3.39
C TYR B 296 16.60 10.83 -2.96
N TYR B 297 16.06 10.09 -3.91
CA TYR B 297 15.01 9.14 -3.58
C TYR B 297 15.60 7.82 -3.11
N ASN B 298 14.76 7.02 -2.46
CA ASN B 298 15.14 5.66 -2.05
C ASN B 298 14.85 4.66 -3.17
N SER B 299 15.43 4.90 -4.33
CA SER B 299 15.26 4.01 -5.47
C SER B 299 16.01 2.70 -5.24
N SER B 300 15.80 1.75 -6.14
CA SER B 300 16.43 0.45 -6.03
C SER B 300 17.95 0.57 -6.23
N CYS B 301 18.69 -0.20 -5.46
CA CYS B 301 20.14 -0.21 -5.57
C CYS B 301 20.58 -0.94 -6.83
N SER B 302 21.81 -0.65 -7.26
CA SER B 302 22.38 -1.29 -8.43
C SER B 302 22.97 -2.64 -8.04
N LYS B 303 23.41 -3.36 -9.05
CA LYS B 303 24.10 -4.64 -8.78
C LYS B 303 25.56 -4.27 -8.56
N TRP B 304 26.25 -4.98 -7.70
CA TRP B 304 27.61 -4.56 -7.32
C TRP B 304 28.61 -4.75 -8.44
N ALA B 305 29.69 -3.99 -8.38
CA ALA B 305 30.82 -4.20 -9.28
C ALA B 305 31.94 -4.44 -8.29
N CYS B 306 33.02 -5.11 -8.64
CA CYS B 306 34.02 -5.45 -7.61
C CYS B 306 35.44 -5.35 -8.14
N VAL B 307 36.43 -5.41 -7.24
CA VAL B 307 37.87 -5.43 -7.64
C VAL B 307 38.60 -6.22 -6.57
N PRO B 308 39.46 -7.21 -6.90
CA PRO B 308 40.10 -8.04 -5.86
C PRO B 308 41.08 -7.20 -5.03
N CYS B 309 41.33 -7.55 -3.75
CA CYS B 309 42.18 -6.71 -2.93
C CYS B 309 43.55 -6.49 -3.58
N LEU C 27 -7.72 -57.10 -6.58
CA LEU C 27 -7.73 -57.21 -8.03
C LEU C 27 -8.58 -56.12 -8.66
N GLY C 28 -8.04 -55.47 -9.69
CA GLY C 28 -8.73 -54.42 -10.38
C GLY C 28 -8.54 -53.07 -9.71
N PRO C 29 -8.86 -51.99 -10.43
CA PRO C 29 -8.73 -50.66 -9.84
C PRO C 29 -9.76 -50.42 -8.74
N ARG C 30 -9.37 -49.60 -7.77
CA ARG C 30 -10.23 -49.32 -6.62
C ARG C 30 -9.81 -47.98 -6.01
N ASN C 31 -10.73 -47.41 -5.23
CA ASN C 31 -10.51 -46.18 -4.48
C ASN C 31 -10.10 -45.03 -5.39
N LEU C 32 -10.96 -44.73 -6.36
CA LEU C 32 -10.74 -43.59 -7.24
C LEU C 32 -10.90 -42.30 -6.45
N SER C 33 -10.15 -41.27 -6.83
CA SER C 33 -10.28 -39.96 -6.21
C SER C 33 -9.86 -38.91 -7.24
N CYS C 34 -10.85 -38.22 -7.80
CA CYS C 34 -10.58 -37.01 -8.57
C CYS C 34 -10.75 -35.80 -7.67
N TYR C 35 -9.82 -34.88 -7.73
CA TYR C 35 -9.82 -33.73 -6.82
C TYR C 35 -9.13 -32.56 -7.49
N ARG C 36 -9.04 -31.43 -6.78
CA ARG C 36 -8.50 -30.19 -7.42
C ARG C 36 -7.15 -29.82 -6.78
N VAL C 37 -6.05 -30.09 -7.48
CA VAL C 37 -4.69 -29.77 -6.94
C VAL C 37 -4.48 -28.26 -6.79
N SER C 38 -4.90 -27.45 -7.78
CA SER C 38 -4.61 -25.99 -7.75
C SER C 38 -5.80 -25.21 -8.30
N LYS C 39 -5.79 -23.88 -8.21
CA LYS C 39 -6.98 -23.10 -8.64
C LYS C 39 -7.26 -23.34 -10.13
N THR C 40 -6.21 -23.38 -10.96
CA THR C 40 -6.43 -23.53 -12.43
C THR C 40 -6.18 -24.99 -12.87
N ASP C 41 -5.84 -25.88 -11.95
CA ASP C 41 -5.47 -27.27 -12.37
C ASP C 41 -6.26 -28.29 -11.57
N TYR C 42 -6.47 -29.48 -12.13
CA TYR C 42 -7.25 -30.55 -11.45
C TYR C 42 -6.50 -31.86 -11.66
N GLU C 43 -6.87 -32.91 -10.93
CA GLU C 43 -6.11 -34.18 -11.04
C GLU C 43 -7.00 -35.35 -10.65
N CYS C 44 -6.52 -36.56 -10.86
CA CYS C 44 -7.24 -37.76 -10.43
C CYS C 44 -6.25 -38.89 -10.24
N SER C 45 -6.53 -39.74 -9.25
CA SER C 45 -5.63 -40.83 -8.91
C SER C 45 -6.45 -42.03 -8.47
N TRP C 46 -5.82 -43.20 -8.53
CA TRP C 46 -6.43 -44.44 -8.08
C TRP C 46 -5.35 -45.46 -7.81
N GLN C 47 -5.62 -46.37 -6.88
CA GLN C 47 -4.70 -47.42 -6.50
C GLN C 47 -5.15 -48.74 -7.09
N TYR C 48 -4.27 -49.38 -7.83
CA TYR C 48 -4.57 -50.62 -8.55
C TYR C 48 -3.99 -51.80 -7.80
N ASP C 49 -4.76 -52.89 -7.73
CA ASP C 49 -4.34 -54.11 -7.07
C ASP C 49 -4.13 -55.22 -8.08
N GLY C 50 -3.05 -55.96 -7.92
CA GLY C 50 -2.72 -57.05 -8.82
C GLY C 50 -1.37 -56.84 -9.50
N PRO C 51 -0.88 -57.87 -10.17
CA PRO C 51 0.40 -57.75 -10.88
C PRO C 51 0.30 -56.82 -12.08
N GLU C 52 1.43 -56.20 -12.41
CA GLU C 52 1.54 -55.28 -13.54
C GLU C 52 2.42 -55.92 -14.60
N ASP C 53 1.81 -56.44 -15.65
CA ASP C 53 2.54 -57.02 -16.77
C ASP C 53 2.26 -56.33 -18.09
N ASN C 54 0.99 -56.10 -18.44
CA ASN C 54 0.63 -55.40 -19.66
C ASN C 54 -0.54 -54.44 -19.43
N VAL C 55 -0.68 -53.90 -18.22
CA VAL C 55 -1.85 -53.09 -17.89
C VAL C 55 -1.75 -51.72 -18.55
N SER C 56 -2.89 -51.24 -19.05
CA SER C 56 -3.02 -49.89 -19.59
C SER C 56 -4.21 -49.24 -18.91
N HIS C 57 -4.00 -48.09 -18.28
CA HIS C 57 -5.00 -47.43 -17.47
C HIS C 57 -5.61 -46.27 -18.25
N VAL C 58 -6.91 -46.33 -18.49
CA VAL C 58 -7.69 -45.22 -19.04
C VAL C 58 -8.93 -45.04 -18.18
N LEU C 59 -9.36 -43.79 -18.02
CA LEU C 59 -10.54 -43.48 -17.23
C LEU C 59 -11.58 -42.79 -18.09
N TRP C 60 -12.84 -42.97 -17.74
CA TRP C 60 -13.96 -42.39 -18.46
C TRP C 60 -14.65 -41.36 -17.58
N CYS C 61 -14.88 -40.19 -18.16
CA CYS C 61 -15.53 -39.04 -17.54
C CYS C 61 -16.88 -38.83 -18.24
N CYS C 62 -17.97 -39.01 -17.50
CA CYS C 62 -19.30 -38.92 -18.05
C CYS C 62 -20.09 -37.81 -17.35
N PHE C 63 -21.00 -37.21 -18.11
CA PHE C 63 -21.88 -36.15 -17.62
C PHE C 63 -23.01 -35.97 -18.62
N VAL C 64 -23.83 -34.95 -18.40
CA VAL C 64 -24.90 -34.60 -19.32
C VAL C 64 -24.69 -33.16 -19.79
N PRO C 65 -24.32 -32.94 -21.06
CA PRO C 65 -24.08 -31.58 -21.58
C PRO C 65 -25.37 -30.86 -21.94
N GLU C 74 -25.78 -38.53 -23.10
CA GLU C 74 -24.59 -38.28 -22.29
C GLU C 74 -23.41 -37.86 -23.16
N ARG C 75 -22.27 -37.63 -22.52
CA ARG C 75 -21.04 -37.29 -23.22
C ARG C 75 -19.88 -37.87 -22.42
N CYS C 76 -19.45 -39.07 -22.78
CA CYS C 76 -18.45 -39.81 -22.01
C CYS C 76 -17.09 -39.67 -22.70
N ARG C 77 -16.32 -38.68 -22.27
CA ARG C 77 -14.95 -38.53 -22.73
C ARG C 77 -14.05 -39.49 -21.97
N TYR C 78 -12.88 -39.76 -22.55
CA TYR C 78 -11.92 -40.67 -21.93
C TYR C 78 -10.52 -40.11 -22.08
N PHE C 79 -9.70 -40.32 -21.05
CA PHE C 79 -8.31 -39.89 -21.02
C PHE C 79 -7.42 -41.11 -20.90
N SER C 80 -6.23 -41.04 -21.50
CA SER C 80 -5.29 -42.14 -21.51
C SER C 80 -3.99 -41.71 -20.85
N SER C 81 -3.43 -42.61 -20.02
CA SER C 81 -2.17 -42.34 -19.34
C SER C 81 -1.24 -43.53 -19.30
N GLY C 82 -1.57 -44.65 -19.94
CA GLY C 82 -0.72 -45.82 -19.95
C GLY C 82 -0.65 -46.49 -18.59
N PRO C 83 0.50 -47.07 -18.26
CA PRO C 83 0.64 -47.80 -17.00
C PRO C 83 0.70 -46.91 -15.77
N ASP C 84 0.82 -45.59 -15.93
CA ASP C 84 0.83 -44.70 -14.78
C ASP C 84 -0.55 -44.65 -14.13
N ARG C 85 -0.57 -44.29 -12.85
CA ARG C 85 -1.79 -44.29 -12.06
C ARG C 85 -2.15 -42.90 -11.55
N THR C 86 -1.91 -41.89 -12.39
CA THR C 86 -2.36 -40.54 -12.10
C THR C 86 -2.64 -39.82 -13.41
N VAL C 87 -3.64 -38.94 -13.40
CA VAL C 87 -4.08 -38.22 -14.59
C VAL C 87 -4.23 -36.75 -14.23
N GLN C 88 -3.64 -35.88 -15.04
CA GLN C 88 -3.67 -34.44 -14.83
C GLN C 88 -4.40 -33.76 -15.96
N PHE C 89 -5.31 -32.86 -15.62
CA PHE C 89 -5.96 -31.99 -16.60
C PHE C 89 -6.21 -30.63 -15.95
N TRP C 90 -6.90 -29.76 -16.67
CA TRP C 90 -7.12 -28.41 -16.18
C TRP C 90 -8.44 -27.89 -16.74
N GLU C 91 -8.64 -26.58 -16.66
CA GLU C 91 -9.96 -25.99 -16.89
C GLU C 91 -10.41 -26.16 -18.34
N GLN C 92 -9.56 -25.80 -19.30
CA GLN C 92 -9.95 -25.71 -20.70
C GLN C 92 -9.71 -26.99 -21.47
N ASP C 93 -9.75 -28.14 -20.81
CA ASP C 93 -9.69 -29.43 -21.49
C ASP C 93 -11.05 -29.96 -21.89
N GLY C 94 -12.07 -29.12 -21.87
CA GLY C 94 -13.42 -29.56 -22.20
C GLY C 94 -14.00 -30.53 -21.20
N ILE C 95 -13.73 -30.32 -19.91
CA ILE C 95 -14.24 -31.18 -18.86
C ILE C 95 -15.08 -30.32 -17.91
N PRO C 96 -16.22 -30.81 -17.43
CA PRO C 96 -17.05 -30.00 -16.51
C PRO C 96 -16.46 -30.01 -15.10
N VAL C 97 -16.30 -28.83 -14.53
CA VAL C 97 -15.83 -28.71 -13.15
C VAL C 97 -16.85 -28.04 -12.25
N LEU C 98 -17.94 -27.49 -12.79
CA LEU C 98 -18.98 -26.88 -11.98
C LEU C 98 -20.27 -27.70 -11.92
N SER C 99 -20.40 -28.71 -12.76
CA SER C 99 -21.57 -29.56 -12.76
C SER C 99 -21.25 -30.93 -12.17
N LYS C 100 -22.30 -31.72 -11.95
CA LYS C 100 -22.13 -33.07 -11.43
C LYS C 100 -21.45 -33.94 -12.46
N VAL C 101 -20.38 -34.63 -12.06
CA VAL C 101 -19.56 -35.42 -12.98
C VAL C 101 -19.41 -36.84 -12.43
N ASN C 102 -19.54 -37.83 -13.31
CA ASN C 102 -19.30 -39.22 -12.98
C ASN C 102 -17.94 -39.66 -13.52
N PHE C 103 -17.19 -40.38 -12.69
CA PHE C 103 -15.88 -40.90 -13.07
C PHE C 103 -15.82 -42.39 -12.83
N TRP C 104 -15.13 -43.09 -13.73
CA TRP C 104 -14.87 -44.52 -13.57
C TRP C 104 -13.64 -44.89 -14.41
N VAL C 105 -13.13 -46.09 -14.19
CA VAL C 105 -11.82 -46.49 -14.72
C VAL C 105 -11.93 -47.84 -15.40
N GLU C 106 -11.33 -47.95 -16.58
CA GLU C 106 -11.16 -49.22 -17.30
C GLU C 106 -9.67 -49.48 -17.48
N SER C 107 -9.18 -50.55 -16.85
CA SER C 107 -7.81 -50.99 -17.07
C SER C 107 -7.80 -52.12 -18.11
N ARG C 108 -6.62 -52.44 -18.61
CA ARG C 108 -6.45 -53.37 -19.73
C ARG C 108 -5.67 -54.60 -19.30
N LEU C 109 -6.11 -55.77 -19.77
CA LEU C 109 -5.35 -57.00 -19.59
C LEU C 109 -5.63 -57.91 -20.78
N GLY C 110 -4.78 -57.82 -21.80
CA GLY C 110 -4.89 -58.70 -22.96
C GLY C 110 -6.20 -58.48 -23.69
N ASN C 111 -7.07 -59.49 -23.62
CA ASN C 111 -8.38 -59.44 -24.22
C ASN C 111 -9.49 -59.22 -23.21
N ARG C 112 -9.16 -59.00 -21.94
CA ARG C 112 -10.14 -58.84 -20.88
C ARG C 112 -9.97 -57.47 -20.22
N THR C 113 -11.07 -56.96 -19.68
CA THR C 113 -11.07 -55.68 -18.99
C THR C 113 -11.36 -55.89 -17.51
N MET C 114 -10.94 -54.92 -16.70
CA MET C 114 -11.26 -54.89 -15.28
C MET C 114 -12.14 -53.69 -14.98
N LYS C 115 -13.08 -53.90 -14.08
CA LYS C 115 -14.11 -52.91 -13.76
C LYS C 115 -13.75 -52.16 -12.49
N SER C 116 -14.31 -50.96 -12.36
CA SER C 116 -14.07 -50.10 -11.22
C SER C 116 -15.40 -49.54 -10.73
N GLN C 117 -15.37 -48.94 -9.55
CA GLN C 117 -16.56 -48.29 -9.00
C GLN C 117 -16.78 -46.94 -9.69
N LYS C 118 -17.98 -46.41 -9.54
CA LYS C 118 -18.35 -45.12 -10.11
C LYS C 118 -18.41 -44.09 -9.00
N ILE C 119 -17.85 -42.91 -9.26
CA ILE C 119 -17.96 -41.80 -8.31
C ILE C 119 -18.72 -40.67 -8.98
N SER C 120 -19.51 -39.95 -8.19
CA SER C 120 -20.34 -38.85 -8.67
C SER C 120 -20.08 -37.64 -7.78
N GLN C 121 -19.44 -36.62 -8.33
CA GLN C 121 -19.05 -35.48 -7.52
C GLN C 121 -18.81 -34.25 -8.38
N TYR C 122 -18.70 -33.11 -7.69
CA TYR C 122 -18.22 -31.86 -8.28
C TYR C 122 -16.73 -31.76 -8.02
N LEU C 123 -16.03 -30.98 -8.83
CA LEU C 123 -14.58 -30.90 -8.73
C LEU C 123 -14.08 -29.55 -8.25
N TYR C 124 -14.91 -28.51 -8.27
CA TYR C 124 -14.41 -27.18 -7.92
C TYR C 124 -14.21 -27.04 -6.42
N ASN C 125 -15.14 -27.52 -5.61
CA ASN C 125 -15.09 -27.31 -4.17
C ASN C 125 -14.52 -28.50 -3.40
N TRP C 126 -14.01 -29.52 -4.08
CA TRP C 126 -13.30 -30.62 -3.44
C TRP C 126 -11.81 -30.35 -3.66
N THR C 127 -11.24 -29.51 -2.82
CA THR C 127 -9.91 -28.95 -3.04
C THR C 127 -8.88 -29.67 -2.17
N LYS C 128 -7.77 -30.05 -2.78
CA LYS C 128 -6.61 -30.56 -2.07
C LYS C 128 -5.59 -29.44 -1.96
N THR C 129 -5.21 -29.09 -0.73
CA THR C 129 -4.34 -27.96 -0.50
C THR C 129 -2.88 -28.37 -0.70
N THR C 130 -1.97 -27.50 -0.30
CA THR C 130 -0.54 -27.66 -0.51
C THR C 130 0.19 -27.86 0.81
N PRO C 131 1.38 -28.47 0.78
CA PRO C 131 2.23 -28.51 1.99
C PRO C 131 2.69 -27.12 2.37
N PRO C 132 3.32 -26.95 3.55
CA PRO C 132 3.77 -25.62 3.96
C PRO C 132 4.73 -24.99 2.96
N LEU C 133 4.60 -23.68 2.80
CA LEU C 133 5.27 -22.95 1.74
C LEU C 133 6.74 -22.71 2.06
N GLY C 134 7.62 -23.24 1.22
CA GLY C 134 9.04 -22.96 1.24
C GLY C 134 9.71 -23.35 2.55
N HIS C 135 10.75 -22.59 2.90
CA HIS C 135 11.49 -22.83 4.12
C HIS C 135 10.69 -22.34 5.32
N ILE C 136 10.54 -23.20 6.32
CA ILE C 136 9.85 -22.85 7.54
C ILE C 136 10.88 -22.48 8.60
N LYS C 137 10.44 -21.73 9.59
CA LYS C 137 11.31 -21.27 10.67
C LYS C 137 11.07 -22.11 11.92
N VAL C 138 12.14 -22.68 12.45
CA VAL C 138 12.08 -23.53 13.64
C VAL C 138 12.88 -22.84 14.75
N SER C 139 12.30 -22.77 15.94
CA SER C 139 12.95 -22.16 17.10
C SER C 139 12.80 -23.08 18.29
N GLN C 140 13.83 -23.12 19.13
CA GLN C 140 13.86 -24.03 20.26
C GLN C 140 13.72 -23.28 21.58
N SER C 141 12.83 -23.78 22.43
CA SER C 141 12.68 -23.30 23.81
C SER C 141 12.76 -24.50 24.74
N HIS C 142 12.51 -24.28 26.03
CA HIS C 142 12.69 -25.32 27.04
C HIS C 142 11.80 -26.53 26.76
N ARG C 143 12.43 -27.62 26.30
CA ARG C 143 11.77 -28.86 25.91
C ARG C 143 10.71 -28.65 24.83
N GLN C 144 10.82 -27.60 24.02
CA GLN C 144 9.80 -27.31 23.02
C GLN C 144 10.45 -26.84 21.72
N LEU C 145 9.76 -27.12 20.62
CA LEU C 145 10.13 -26.62 19.29
C LEU C 145 8.91 -25.95 18.68
N ARG C 146 9.08 -24.73 18.22
CA ARG C 146 8.03 -23.92 17.61
C ARG C 146 8.35 -23.72 16.13
N MET C 147 7.35 -23.99 15.29
CA MET C 147 7.50 -23.94 13.84
C MET C 147 6.53 -22.90 13.28
N ASP C 148 7.04 -22.02 12.43
CA ASP C 148 6.25 -20.96 11.83
C ASP C 148 6.49 -20.93 10.33
N TRP C 149 5.46 -20.53 9.58
CA TRP C 149 5.57 -20.40 8.13
C TRP C 149 4.49 -19.42 7.67
N ASN C 150 4.50 -19.15 6.36
CA ASN C 150 3.51 -18.29 5.73
C ASN C 150 2.78 -19.12 4.67
N VAL C 151 1.45 -19.05 4.68
CA VAL C 151 0.64 -19.83 3.75
C VAL C 151 -0.36 -18.89 3.08
N SER C 152 -0.77 -19.23 1.86
CA SER C 152 -1.64 -18.40 1.05
C SER C 152 -3.11 -18.81 1.15
N GLU C 153 -3.50 -19.42 2.27
CA GLU C 153 -4.89 -19.79 2.50
C GLU C 153 -5.33 -19.21 3.84
N GLU C 154 -6.48 -18.54 3.84
CA GLU C 154 -6.98 -17.87 5.04
C GLU C 154 -7.76 -18.79 5.97
N ALA C 155 -8.05 -20.01 5.55
CA ALA C 155 -8.82 -20.95 6.35
C ALA C 155 -7.92 -21.70 7.33
N GLY C 156 -8.53 -22.18 8.41
CA GLY C 156 -7.79 -22.95 9.40
C GLY C 156 -7.66 -24.41 9.02
N ALA C 157 -6.48 -24.78 8.56
CA ALA C 157 -6.19 -26.15 8.17
C ALA C 157 -5.74 -26.96 9.38
N GLU C 158 -6.36 -28.11 9.61
CA GLU C 158 -5.98 -28.95 10.74
C GLU C 158 -4.62 -29.58 10.45
N VAL C 159 -3.59 -29.07 11.11
CA VAL C 159 -2.22 -29.48 10.83
C VAL C 159 -1.92 -30.76 11.60
N GLN C 160 -1.49 -31.80 10.89
CA GLN C 160 -1.13 -33.08 11.47
C GLN C 160 0.31 -33.40 11.08
N PHE C 161 1.19 -33.48 12.07
CA PHE C 161 2.62 -33.62 11.80
C PHE C 161 3.14 -34.95 12.34
N ARG C 162 4.39 -35.24 11.99
CA ARG C 162 5.01 -36.52 12.31
C ARG C 162 6.51 -36.31 12.44
N ARG C 163 7.12 -37.03 13.37
CA ARG C 163 8.54 -36.84 13.67
C ARG C 163 9.21 -38.19 13.92
N ARG C 164 10.52 -38.22 13.73
CA ARG C 164 11.26 -39.48 13.71
C ARG C 164 12.70 -39.23 14.05
N MET C 165 13.18 -39.83 15.14
CA MET C 165 14.62 -39.87 15.36
C MET C 165 15.24 -40.93 14.45
N PRO C 166 16.43 -40.69 13.89
CA PRO C 166 16.87 -41.46 12.71
C PRO C 166 17.28 -42.90 12.99
N THR C 167 16.95 -43.42 14.19
CA THR C 167 17.19 -44.81 14.52
C THR C 167 15.94 -45.67 14.45
N THR C 168 14.77 -45.10 14.73
CA THR C 168 13.52 -45.84 14.76
C THR C 168 12.55 -45.30 13.70
N ASN C 169 11.31 -45.78 13.75
CA ASN C 169 10.29 -45.39 12.80
C ASN C 169 9.62 -44.08 13.25
N TRP C 170 8.55 -43.70 12.57
CA TRP C 170 7.93 -42.39 12.80
C TRP C 170 6.91 -42.45 13.94
N THR C 171 6.65 -41.27 14.51
CA THR C 171 5.62 -41.05 15.50
C THR C 171 4.74 -39.90 15.03
N LEU C 172 3.43 -40.11 15.08
CA LEU C 172 2.44 -39.20 14.54
C LEU C 172 1.85 -38.32 15.64
N GLY C 173 1.27 -37.17 15.25
CA GLY C 173 0.57 -36.34 16.20
C GLY C 173 -0.14 -35.14 15.61
N ASP C 174 -1.34 -34.85 16.12
CA ASP C 174 -2.03 -33.62 15.78
C ASP C 174 -1.32 -32.43 16.41
N CYS C 175 -1.37 -31.29 15.74
CA CYS C 175 -0.69 -30.09 16.20
C CYS C 175 -1.55 -29.19 17.06
N GLY C 176 -2.80 -28.94 16.67
CA GLY C 176 -3.68 -28.10 17.44
C GLY C 176 -4.18 -26.90 16.67
N PRO C 177 -5.30 -26.33 17.11
CA PRO C 177 -5.88 -25.18 16.42
C PRO C 177 -5.02 -23.93 16.54
N GLN C 178 -5.22 -23.03 15.59
CA GLN C 178 -4.45 -21.79 15.52
C GLN C 178 -5.31 -20.70 14.93
N VAL C 179 -4.88 -19.45 15.16
CA VAL C 179 -5.61 -18.28 14.67
C VAL C 179 -5.19 -18.00 13.23
N ASN C 180 -6.17 -17.97 12.33
CA ASN C 180 -5.90 -17.68 10.93
C ASN C 180 -6.96 -16.73 10.36
N MET C 193 -2.25 -16.85 5.92
CA MET C 193 -1.57 -15.82 6.70
C MET C 193 -0.29 -16.39 7.30
N SER C 194 -0.43 -17.04 8.46
CA SER C 194 0.69 -17.65 9.16
C SER C 194 0.13 -18.60 10.21
N GLU C 195 0.86 -19.69 10.46
CA GLU C 195 0.44 -20.70 11.42
C GLU C 195 1.64 -21.12 12.26
N SER C 196 1.34 -21.80 13.36
CA SER C 196 2.37 -22.25 14.30
C SER C 196 2.13 -23.70 14.68
N CYS C 197 3.21 -24.39 14.99
CA CYS C 197 3.15 -25.77 15.43
C CYS C 197 4.15 -26.00 16.56
N LEU C 198 3.85 -26.96 17.43
CA LEU C 198 4.66 -27.23 18.59
C LEU C 198 5.04 -28.72 18.65
N CYS C 199 6.23 -28.99 19.18
CA CYS C 199 6.69 -30.38 19.30
C CYS C 199 7.67 -30.54 20.46
N PRO C 200 7.55 -31.61 21.24
CA PRO C 200 8.55 -31.87 22.29
C PRO C 200 9.92 -32.18 21.70
N SER C 201 10.95 -31.87 22.48
CA SER C 201 12.33 -32.03 22.01
C SER C 201 12.78 -33.48 22.16
N GLU C 202 14.07 -33.70 21.90
CA GLU C 202 14.68 -35.02 22.01
C GLU C 202 16.16 -34.85 22.27
N ASN C 203 16.73 -35.80 23.02
CA ASN C 203 18.15 -35.73 23.37
C ASN C 203 19.06 -35.98 22.19
N MET C 204 18.53 -36.46 21.06
CA MET C 204 19.28 -36.59 19.82
C MET C 204 18.55 -35.84 18.72
N ALA C 205 19.17 -35.78 17.54
CA ALA C 205 18.57 -35.09 16.42
C ALA C 205 17.36 -35.85 15.90
N GLN C 206 16.55 -35.16 15.09
CA GLN C 206 15.35 -35.81 14.56
C GLN C 206 14.94 -35.13 13.26
N GLU C 207 14.12 -35.84 12.50
CA GLU C 207 13.59 -35.44 11.20
C GLU C 207 12.08 -35.40 11.30
N ILE C 208 11.48 -34.28 10.91
CA ILE C 208 10.07 -34.02 11.18
C ILE C 208 9.41 -33.43 9.95
N GLN C 209 8.20 -33.92 9.63
CA GLN C 209 7.43 -33.52 8.47
C GLN C 209 6.04 -33.09 8.92
N ILE C 210 5.34 -32.37 8.04
CA ILE C 210 4.15 -31.63 8.42
C ILE C 210 3.28 -31.42 7.18
N ARG C 211 1.95 -31.45 7.38
CA ARG C 211 1.01 -31.32 6.26
C ARG C 211 -0.26 -30.60 6.72
N ARG C 212 -1.17 -30.36 5.78
CA ARG C 212 -2.40 -29.62 5.99
C ARG C 212 -3.55 -30.31 5.25
N ARG C 213 -4.78 -29.84 5.51
CA ARG C 213 -5.90 -30.18 4.64
C ARG C 213 -6.94 -29.08 4.79
N ARG C 214 -7.74 -28.87 3.74
CA ARG C 214 -8.73 -27.80 3.74
C ARG C 214 -9.91 -28.22 4.60
N ARG C 215 -10.45 -27.26 5.37
CA ARG C 215 -11.55 -27.51 6.28
C ARG C 215 -12.60 -26.42 6.15
N LEU C 216 -13.87 -26.82 6.15
CA LEU C 216 -14.96 -25.86 6.08
C LEU C 216 -15.20 -25.23 7.44
N SER C 217 -16.19 -24.32 7.49
CA SER C 217 -16.56 -23.68 8.74
C SER C 217 -17.27 -24.62 9.70
N SER C 218 -17.83 -25.72 9.19
CA SER C 218 -18.54 -26.69 10.01
C SER C 218 -17.61 -27.72 10.63
N GLY C 219 -16.31 -27.62 10.39
CA GLY C 219 -15.38 -28.62 10.85
C GLY C 219 -15.32 -29.86 9.98
N ALA C 220 -16.06 -29.88 8.86
CA ALA C 220 -16.12 -31.00 7.94
C ALA C 220 -14.86 -31.07 7.09
N PRO C 221 -14.42 -32.28 6.72
CA PRO C 221 -13.21 -32.39 5.88
C PRO C 221 -13.45 -31.90 4.47
N GLY C 222 -12.78 -30.81 4.10
CA GLY C 222 -12.96 -30.22 2.78
C GLY C 222 -11.93 -30.63 1.75
N GLY C 223 -11.76 -31.94 1.56
CA GLY C 223 -10.84 -32.45 0.58
C GLY C 223 -10.01 -33.60 1.11
N PRO C 224 -9.02 -34.02 0.35
CA PRO C 224 -8.11 -35.07 0.81
C PRO C 224 -6.89 -34.47 1.51
N TRP C 225 -6.08 -35.35 2.07
CA TRP C 225 -4.89 -34.92 2.79
C TRP C 225 -3.82 -34.47 1.81
N SER C 226 -3.26 -33.29 2.05
CA SER C 226 -2.13 -32.83 1.25
C SER C 226 -0.89 -33.65 1.57
N ASP C 227 0.00 -33.74 0.60
CA ASP C 227 1.24 -34.49 0.78
C ASP C 227 2.18 -33.72 1.71
N TRP C 228 3.09 -34.47 2.32
CA TRP C 228 4.01 -33.90 3.29
C TRP C 228 5.01 -32.95 2.61
N SER C 229 5.48 -31.99 3.39
CA SER C 229 6.48 -31.05 2.91
C SER C 229 7.86 -31.69 2.95
N MET C 230 8.88 -30.91 2.61
CA MET C 230 10.25 -31.37 2.72
C MET C 230 10.59 -31.62 4.19
N PRO C 231 11.44 -32.61 4.47
CA PRO C 231 11.77 -32.91 5.87
C PRO C 231 12.54 -31.77 6.54
N VAL C 232 12.30 -31.61 7.83
CA VAL C 232 12.99 -30.61 8.65
C VAL C 232 13.87 -31.35 9.64
N CYS C 233 15.15 -31.03 9.64
CA CYS C 233 16.11 -31.68 10.53
C CYS C 233 16.45 -30.74 11.67
N VAL C 234 16.44 -31.27 12.90
CA VAL C 234 16.80 -30.46 14.06
C VAL C 234 17.72 -31.23 15.00
N PRO C 235 18.85 -30.64 15.39
CA PRO C 235 19.72 -31.28 16.37
C PRO C 235 19.17 -31.12 17.77
N PRO C 236 19.70 -31.86 18.76
CA PRO C 236 19.21 -31.65 20.13
C PRO C 236 19.70 -30.34 20.73
N ASP D 3 -11.33 23.11 -1.46
CA ASP D 3 -10.75 22.93 -0.14
C ASP D 3 -9.97 21.60 -0.06
N VAL D 4 -9.96 20.99 1.11
CA VAL D 4 -9.22 19.75 1.33
C VAL D 4 -10.15 18.56 1.56
N CYS D 5 -11.24 18.75 2.31
CA CYS D 5 -12.28 17.72 2.41
C CYS D 5 -13.21 17.88 1.20
N LYS D 6 -12.66 17.56 0.02
CA LYS D 6 -13.34 17.82 -1.24
C LYS D 6 -14.42 16.79 -1.54
N LEU D 7 -14.24 15.54 -1.14
CA LEU D 7 -15.21 14.50 -1.47
C LEU D 7 -16.50 14.66 -0.68
N GLY D 8 -16.43 15.21 0.52
CA GLY D 8 -17.63 15.36 1.32
C GLY D 8 -17.32 16.12 2.61
N THR D 9 -18.28 16.06 3.53
CA THR D 9 -18.17 16.79 4.78
C THR D 9 -18.70 15.94 5.93
N VAL D 10 -18.24 16.28 7.14
CA VAL D 10 -18.71 15.66 8.37
C VAL D 10 -19.06 16.76 9.36
N THR D 11 -20.16 16.57 10.08
CA THR D 11 -20.65 17.55 11.05
C THR D 11 -21.05 16.86 12.34
N VAL D 12 -21.02 17.63 13.43
CA VAL D 12 -21.37 17.15 14.76
C VAL D 12 -22.36 18.14 15.37
N GLN D 13 -23.19 17.65 16.29
CA GLN D 13 -24.15 18.50 16.99
C GLN D 13 -24.06 18.21 18.48
N PRO D 14 -24.34 19.20 19.34
CA PRO D 14 -24.62 20.61 19.03
C PRO D 14 -23.34 21.44 18.87
N ALA D 15 -22.22 20.91 19.36
CA ALA D 15 -20.96 21.62 19.36
C ALA D 15 -19.82 20.59 19.44
N PRO D 16 -18.62 20.94 18.98
CA PRO D 16 -17.48 20.03 19.18
C PRO D 16 -17.09 19.82 20.63
N VAL D 17 -17.48 20.73 21.53
CA VAL D 17 -17.18 20.60 22.96
C VAL D 17 -18.43 20.10 23.66
N ILE D 18 -18.28 19.02 24.43
CA ILE D 18 -19.39 18.31 25.04
C ILE D 18 -19.06 18.04 26.51
N PRO D 19 -20.04 18.20 27.39
CA PRO D 19 -19.84 17.78 28.79
C PRO D 19 -19.68 16.27 28.90
N LEU D 20 -19.14 15.85 30.04
CA LEU D 20 -18.72 14.47 30.22
C LEU D 20 -19.91 13.50 30.24
N GLY D 21 -19.73 12.36 29.58
CA GLY D 21 -20.72 11.29 29.59
C GLY D 21 -22.01 11.60 28.87
N SER D 22 -21.95 12.18 27.68
CA SER D 22 -23.12 12.43 26.85
C SER D 22 -23.04 11.61 25.57
N ALA D 23 -24.06 11.77 24.73
CA ALA D 23 -24.10 11.10 23.44
C ALA D 23 -23.64 12.04 22.33
N ALA D 24 -23.33 11.47 21.17
CA ALA D 24 -22.84 12.23 20.04
C ALA D 24 -23.47 11.73 18.76
N ASN D 25 -23.73 12.66 17.84
CA ASN D 25 -24.27 12.35 16.52
C ASN D 25 -23.30 12.87 15.47
N ILE D 26 -22.96 12.04 14.50
CA ILE D 26 -22.05 12.41 13.42
C ILE D 26 -22.80 12.29 12.10
N SER D 27 -22.82 13.37 11.34
CA SER D 27 -23.49 13.39 10.05
C SER D 27 -22.44 13.46 8.95
N CYS D 28 -22.35 12.40 8.15
CA CYS D 28 -21.37 12.30 7.07
C CYS D 28 -22.11 12.40 5.75
N SER D 29 -21.85 13.47 5.00
CA SER D 29 -22.48 13.72 3.72
C SER D 29 -21.43 13.72 2.62
N LEU D 30 -21.83 13.29 1.43
CA LEU D 30 -20.93 13.12 0.30
C LEU D 30 -21.40 13.98 -0.85
N ASN D 31 -20.52 14.84 -1.35
CA ASN D 31 -20.86 15.72 -2.46
C ASN D 31 -21.05 14.91 -3.74
N PRO D 32 -22.01 15.28 -4.59
CA PRO D 32 -22.27 14.49 -5.80
C PRO D 32 -21.07 14.48 -6.75
N LYS D 33 -20.80 13.30 -7.29
CA LYS D 33 -19.67 13.04 -8.18
C LYS D 33 -18.34 13.49 -7.59
N GLU D 44 -19.65 2.20 0.77
CA GLU D 44 -20.73 2.83 1.52
C GLU D 44 -20.16 3.94 2.39
N LEU D 45 -20.70 4.11 3.59
CA LEU D 45 -20.20 5.09 4.55
C LEU D 45 -20.11 4.42 5.91
N ILE D 46 -18.91 4.43 6.51
CA ILE D 46 -18.69 3.90 7.85
C ILE D 46 -17.90 4.93 8.64
N LEU D 47 -17.75 4.67 9.94
CA LEU D 47 -17.05 5.57 10.85
C LEU D 47 -15.93 4.84 11.54
N LEU D 48 -14.79 5.50 11.69
CA LEU D 48 -13.63 4.96 12.40
C LEU D 48 -13.29 5.87 13.56
N LYS D 49 -13.05 5.26 14.73
CA LYS D 49 -12.81 5.98 15.97
C LYS D 49 -11.37 5.77 16.42
N PHE D 50 -10.69 6.87 16.72
CA PHE D 50 -9.31 6.86 17.19
C PHE D 50 -9.23 7.57 18.52
N VAL D 51 -8.73 6.88 19.54
CA VAL D 51 -8.47 7.45 20.85
C VAL D 51 -6.97 7.42 21.07
N ASN D 52 -6.42 8.57 21.47
CA ASN D 52 -4.97 8.84 21.58
C ASN D 52 -4.19 8.23 20.41
N ASP D 53 -4.68 8.53 19.20
CA ASP D 53 -4.08 8.07 17.93
C ASP D 53 -3.98 6.56 17.87
N VAL D 54 -5.01 5.87 18.38
CA VAL D 54 -5.10 4.42 18.32
C VAL D 54 -6.50 4.06 17.85
N LEU D 55 -6.59 3.25 16.79
CA LEU D 55 -7.87 2.78 16.29
C LEU D 55 -8.53 1.89 17.33
N VAL D 56 -9.66 2.33 17.89
CA VAL D 56 -10.29 1.66 19.02
C VAL D 56 -11.53 0.87 18.59
N GLU D 57 -12.54 1.56 18.07
CA GLU D 57 -13.80 0.92 17.72
C GLU D 57 -14.14 1.20 16.26
N ASN D 58 -14.63 0.17 15.57
CA ASN D 58 -15.00 0.25 14.16
C ASN D 58 -16.52 0.21 14.06
N LEU D 59 -17.13 1.36 13.78
CA LEU D 59 -18.57 1.45 13.67
C LEU D 59 -19.06 0.80 12.38
N ASP D 66 -26.69 3.69 -3.41
CA ASP D 66 -27.88 4.53 -3.41
C ASP D 66 -27.78 5.63 -2.36
N HIS D 67 -28.87 5.88 -1.64
CA HIS D 67 -28.88 6.93 -0.62
C HIS D 67 -27.99 6.57 0.56
N THR D 68 -27.78 5.26 0.81
CA THR D 68 -26.90 4.84 1.89
C THR D 68 -25.46 5.27 1.64
N GLY D 69 -25.04 5.34 0.38
CA GLY D 69 -23.74 5.84 0.00
C GLY D 69 -23.68 7.33 -0.28
N HIS D 70 -24.77 8.06 -0.04
CA HIS D 70 -24.84 9.49 -0.30
C HIS D 70 -24.72 10.33 0.97
N SER D 71 -25.52 10.03 1.98
CA SER D 71 -25.46 10.73 3.26
C SER D 71 -25.96 9.79 4.35
N SER D 72 -25.36 9.91 5.53
CA SER D 72 -25.70 9.01 6.62
C SER D 72 -25.42 9.70 7.95
N THR D 73 -25.95 9.10 9.01
CA THR D 73 -25.72 9.55 10.38
C THR D 73 -25.31 8.38 11.25
N PHE D 74 -24.49 8.67 12.25
CA PHE D 74 -23.94 7.67 13.15
C PHE D 74 -24.13 8.17 14.59
N GLN D 75 -24.36 7.23 15.50
CA GLN D 75 -24.55 7.54 16.91
C GLN D 75 -23.40 6.98 17.73
N VAL D 76 -22.94 7.74 18.72
CA VAL D 76 -21.89 7.34 19.63
C VAL D 76 -22.40 7.53 21.05
N THR D 77 -22.29 6.47 21.86
CA THR D 77 -22.69 6.52 23.26
C THR D 77 -21.50 6.13 24.13
N ASN D 78 -21.38 6.79 25.28
CA ASN D 78 -20.28 6.59 26.23
C ASN D 78 -18.92 6.76 25.55
N LEU D 79 -18.68 7.96 25.05
CA LEU D 79 -17.43 8.26 24.37
C LEU D 79 -16.27 8.22 25.36
N SER D 80 -15.08 7.95 24.83
CA SER D 80 -13.90 7.80 25.67
C SER D 80 -13.50 9.14 26.28
N LEU D 81 -12.68 9.06 27.32
CA LEU D 81 -12.25 10.26 28.03
C LEU D 81 -11.19 11.01 27.23
N GLY D 82 -11.34 12.33 27.19
CA GLY D 82 -10.40 13.17 26.47
C GLY D 82 -10.75 13.31 24.99
N MET D 83 -9.87 14.01 24.29
CA MET D 83 -10.09 14.27 22.87
C MET D 83 -9.92 13.01 22.05
N THR D 84 -10.80 12.83 21.06
CA THR D 84 -10.79 11.66 20.19
C THR D 84 -11.11 12.10 18.77
N LEU D 85 -11.01 11.15 17.84
CA LEU D 85 -11.15 11.41 16.42
C LEU D 85 -12.20 10.48 15.83
N PHE D 86 -13.10 11.03 15.04
CA PHE D 86 -14.02 10.25 14.22
C PHE D 86 -13.82 10.63 12.77
N VAL D 87 -13.47 9.64 11.94
CA VAL D 87 -13.23 9.88 10.52
C VAL D 87 -14.22 9.04 9.71
N CYS D 88 -14.80 9.65 8.68
CA CYS D 88 -15.76 8.95 7.84
C CYS D 88 -15.01 8.27 6.70
N LYS D 89 -15.39 7.03 6.40
CA LYS D 89 -14.70 6.19 5.44
C LYS D 89 -15.67 5.70 4.38
N LEU D 90 -15.22 5.66 3.14
CA LEU D 90 -16.01 5.12 2.04
C LEU D 90 -16.26 3.63 2.21
N PRO D 100 -10.73 2.53 2.45
CA PRO D 100 -10.51 3.30 1.21
C PRO D 100 -10.04 4.72 1.47
N VAL D 101 -10.42 5.65 0.59
CA VAL D 101 -10.00 7.04 0.74
C VAL D 101 -10.74 7.67 1.92
N PRO D 102 -10.07 8.42 2.78
CA PRO D 102 -10.78 9.16 3.85
C PRO D 102 -11.50 10.37 3.26
N VAL D 103 -12.82 10.38 3.36
CA VAL D 103 -13.58 11.49 2.80
C VAL D 103 -13.35 12.78 3.60
N CYS D 104 -13.41 12.69 4.94
CA CYS D 104 -13.11 13.79 5.86
C CYS D 104 -13.22 13.23 7.27
N GLY D 105 -12.80 14.04 8.25
CA GLY D 105 -12.80 13.64 9.63
C GLY D 105 -13.06 14.82 10.56
N VAL D 106 -13.14 14.51 11.85
CA VAL D 106 -13.44 15.51 12.87
C VAL D 106 -12.82 15.05 14.19
N GLU D 107 -12.45 16.02 15.03
CA GLU D 107 -11.93 15.77 16.36
C GLU D 107 -12.87 16.37 17.40
N ILE D 108 -13.14 15.62 18.47
CA ILE D 108 -14.09 16.02 19.50
C ILE D 108 -13.40 15.96 20.85
N SER D 109 -13.53 17.04 21.63
CA SER D 109 -12.98 17.13 22.96
C SER D 109 -14.11 17.07 23.98
N VAL D 110 -13.94 16.26 25.01
CA VAL D 110 -14.93 16.10 26.07
C VAL D 110 -14.29 16.48 27.41
N GLY D 111 -15.04 17.23 28.21
CA GLY D 111 -14.54 17.66 29.49
C GLY D 111 -15.67 18.02 30.43
N VAL D 112 -15.35 18.84 31.43
CA VAL D 112 -16.31 19.26 32.43
C VAL D 112 -16.18 20.77 32.66
N ALA D 113 -17.25 21.36 33.17
CA ALA D 113 -17.21 22.75 33.57
C ALA D 113 -16.32 22.91 34.81
N PRO D 114 -15.64 24.04 34.95
CA PRO D 114 -14.72 24.21 36.09
C PRO D 114 -15.47 24.28 37.41
N GLU D 115 -14.93 23.59 38.40
CA GLU D 115 -15.48 23.67 39.75
C GLU D 115 -15.10 25.01 40.38
N PRO D 116 -15.94 25.54 41.26
CA PRO D 116 -15.64 26.81 41.91
C PRO D 116 -14.37 26.71 42.75
N PRO D 117 -13.57 27.77 42.79
CA PRO D 117 -12.32 27.73 43.57
C PRO D 117 -12.54 27.72 45.07
N GLN D 118 -11.46 27.52 45.83
CA GLN D 118 -11.55 27.37 47.27
C GLN D 118 -10.22 27.79 47.88
N ASN D 119 -10.29 28.34 49.10
CA ASN D 119 -9.11 28.74 49.89
C ASN D 119 -8.32 29.82 49.16
N ILE D 120 -8.90 30.99 48.89
CA ILE D 120 -8.15 32.01 48.11
C ILE D 120 -7.36 32.92 49.08
N SER D 121 -6.02 32.83 49.13
CA SER D 121 -5.18 33.63 50.07
C SER D 121 -4.30 34.58 49.28
N CYS D 122 -4.03 35.77 49.82
CA CYS D 122 -3.17 36.76 49.14
C CYS D 122 -2.04 37.23 50.06
N VAL D 123 -0.79 37.16 49.60
CA VAL D 123 0.39 37.61 50.41
C VAL D 123 1.20 38.64 49.63
N GLN D 124 1.89 39.56 50.30
CA GLN D 124 2.72 40.51 49.58
C GLN D 124 4.16 40.37 50.06
N GLU D 125 5.10 40.37 49.11
CA GLU D 125 6.52 40.22 49.39
C GLU D 125 7.21 41.56 49.16
N GLY D 126 7.88 42.07 50.20
CA GLY D 126 8.57 43.33 50.13
C GLY D 126 8.00 44.34 51.12
N GLU D 127 8.80 45.38 51.36
CA GLU D 127 8.39 46.43 52.28
C GLU D 127 7.19 47.19 51.74
N ASN D 128 7.27 47.64 50.48
CA ASN D 128 6.16 48.31 49.79
C ASN D 128 6.21 47.82 48.34
N GLY D 129 5.47 46.75 48.06
CA GLY D 129 5.52 46.13 46.75
C GLY D 129 4.17 45.65 46.25
N THR D 130 4.12 44.43 45.76
CA THR D 130 2.95 43.89 45.08
C THR D 130 2.53 42.56 45.71
N VAL D 131 1.21 42.41 45.88
CA VAL D 131 0.62 41.18 46.47
C VAL D 131 0.42 40.15 45.36
N ALA D 132 0.50 38.86 45.69
CA ALA D 132 0.24 37.78 44.73
C ALA D 132 -0.79 36.89 45.41
N CYS D 133 -1.61 36.17 44.64
CA CYS D 133 -2.69 35.43 45.32
C CYS D 133 -2.75 33.99 44.85
N SER D 134 -3.09 33.09 45.76
CA SER D 134 -3.10 31.66 45.39
C SER D 134 -4.51 31.14 45.51
N TRP D 135 -4.84 30.09 44.78
CA TRP D 135 -6.15 29.49 45.01
C TRP D 135 -6.06 27.99 44.75
N ASN D 136 -7.22 27.34 44.80
CA ASN D 136 -7.35 25.93 44.43
C ASN D 136 -8.17 25.82 43.15
N SER D 137 -7.60 25.19 42.14
CA SER D 137 -8.29 25.01 40.87
C SER D 137 -9.24 23.82 40.88
N GLY D 138 -9.27 23.04 41.96
CA GLY D 138 -10.11 21.86 41.97
C GLY D 138 -9.59 20.80 41.01
N LYS D 139 -10.52 20.03 40.47
CA LYS D 139 -10.17 19.04 39.46
C LYS D 139 -9.72 19.74 38.18
N VAL D 140 -8.71 19.16 37.52
CA VAL D 140 -8.21 19.73 36.28
C VAL D 140 -9.28 19.61 35.20
N THR D 141 -9.46 20.68 34.44
CA THR D 141 -10.60 20.80 33.53
C THR D 141 -10.49 19.92 32.28
N TYR D 142 -9.31 19.35 32.03
CA TYR D 142 -8.97 18.51 30.88
C TYR D 142 -8.96 19.25 29.56
N LEU D 143 -9.33 20.54 29.54
CA LEU D 143 -9.40 21.32 28.32
C LEU D 143 -8.78 22.69 28.58
N LYS D 144 -8.82 23.54 27.55
CA LYS D 144 -8.35 24.91 27.71
C LYS D 144 -9.31 25.66 28.63
N THR D 145 -8.75 26.42 29.57
CA THR D 145 -9.54 27.16 30.54
C THR D 145 -8.74 28.41 30.91
N ASN D 146 -9.43 29.46 31.33
CA ASN D 146 -8.74 30.62 31.88
C ASN D 146 -9.42 31.09 33.16
N TYR D 147 -8.63 31.75 33.99
CA TYR D 147 -9.08 32.30 35.26
C TYR D 147 -8.82 33.79 35.30
N THR D 148 -9.83 34.54 35.73
CA THR D 148 -9.74 35.99 35.84
C THR D 148 -9.62 36.34 37.32
N LEU D 149 -8.55 37.05 37.67
CA LEU D 149 -8.37 37.57 39.01
C LEU D 149 -8.78 39.04 39.02
N GLN D 150 -9.66 39.39 39.96
CA GLN D 150 -10.22 40.73 40.09
C GLN D 150 -9.95 41.22 41.50
N LEU D 151 -9.08 42.22 41.64
CA LEU D 151 -8.88 42.92 42.89
C LEU D 151 -9.70 44.20 42.88
N SER D 152 -10.38 44.48 43.99
CA SER D 152 -11.22 45.66 44.11
C SER D 152 -11.08 46.23 45.51
N GLY D 153 -11.43 47.50 45.64
CA GLY D 153 -11.41 48.15 46.92
C GLY D 153 -11.92 49.58 46.85
N PRO D 154 -12.41 50.08 47.99
CA PRO D 154 -12.96 51.45 48.04
C PRO D 154 -11.91 52.52 47.77
N ASN D 155 -12.35 53.78 47.76
CA ASN D 155 -11.63 54.90 47.15
C ASN D 155 -11.37 54.66 45.67
N ASN D 156 -12.23 53.84 45.05
CA ASN D 156 -12.29 53.59 43.61
C ASN D 156 -10.96 53.02 43.09
N LEU D 157 -10.62 51.82 43.59
CA LEU D 157 -9.44 51.12 43.10
C LEU D 157 -9.81 49.71 42.66
N THR D 158 -9.27 49.28 41.52
CA THR D 158 -9.56 47.97 40.96
C THR D 158 -8.45 47.58 40.00
N CYS D 159 -8.38 46.28 39.71
CA CYS D 159 -7.43 45.70 38.77
C CYS D 159 -7.93 44.32 38.38
N GLN D 160 -7.66 43.94 37.13
CA GLN D 160 -8.13 42.66 36.58
C GLN D 160 -7.09 42.10 35.64
N LYS D 161 -6.84 40.79 35.72
CA LYS D 161 -6.10 40.13 34.65
C LYS D 161 -6.45 38.64 34.57
N GLN D 162 -5.80 37.97 33.62
CA GLN D 162 -6.11 36.61 33.22
C GLN D 162 -4.95 35.67 33.53
N CYS D 163 -5.23 34.38 33.48
CA CYS D 163 -4.21 33.35 33.50
C CYS D 163 -4.78 32.14 32.78
N PHE D 164 -3.95 31.50 31.94
CA PHE D 164 -4.41 30.47 31.01
C PHE D 164 -3.92 29.11 31.45
N SER D 165 -4.84 28.20 31.74
CA SER D 165 -4.52 26.82 32.08
C SER D 165 -4.83 25.91 30.89
N ASP D 166 -3.84 25.12 30.50
CA ASP D 166 -3.97 24.15 29.42
C ASP D 166 -3.05 22.98 29.74
N ASN D 167 -2.76 22.15 28.73
CA ASN D 167 -1.91 20.99 28.96
C ASN D 167 -0.46 21.39 29.22
N ARG D 168 -0.06 22.57 28.73
CA ARG D 168 1.36 22.98 28.88
C ARG D 168 1.52 23.89 30.10
N GLN D 169 0.70 24.94 30.19
CA GLN D 169 0.83 25.92 31.26
C GLN D 169 -0.29 25.74 32.29
N ASN D 170 0.09 25.78 33.56
CA ASN D 170 -0.86 25.65 34.67
C ASN D 170 -0.95 26.98 35.39
N CYS D 171 -2.10 27.22 36.03
CA CYS D 171 -2.36 28.49 36.72
C CYS D 171 -2.86 28.18 38.13
N ASN D 172 -1.98 28.31 39.12
CA ASN D 172 -2.36 28.25 40.52
C ASN D 172 -1.86 29.45 41.31
N ARG D 173 -0.95 30.24 40.74
CA ARG D 173 -0.45 31.46 41.37
C ARG D 173 -0.54 32.59 40.34
N LEU D 174 -0.67 33.81 40.85
CA LEU D 174 -0.73 34.96 39.95
C LEU D 174 -0.22 36.18 40.69
N ASP D 175 0.31 37.14 39.92
CA ASP D 175 0.84 38.39 40.46
C ASP D 175 -0.05 39.55 40.02
N LEU D 176 -0.47 40.37 40.98
CA LEU D 176 -1.36 41.49 40.67
C LEU D 176 -0.65 42.57 39.86
N GLY D 177 0.67 42.65 39.98
CA GLY D 177 1.45 43.60 39.22
C GLY D 177 1.30 45.06 39.62
N ILE D 178 0.60 45.34 40.72
CA ILE D 178 0.34 46.71 41.15
C ILE D 178 1.01 46.95 42.49
N ASN D 179 1.74 48.06 42.60
CA ASN D 179 2.31 48.48 43.87
C ASN D 179 1.23 49.08 44.76
N LEU D 180 1.37 48.83 46.07
CA LEU D 180 0.41 49.30 47.06
C LEU D 180 1.07 50.33 47.97
N SER D 181 0.21 51.06 48.72
CA SER D 181 0.65 52.17 49.55
C SER D 181 0.69 51.77 51.02
N PRO D 182 1.65 52.29 51.78
CA PRO D 182 1.74 51.97 53.21
C PRO D 182 0.85 52.82 54.11
N ASP D 183 0.33 53.95 53.61
CA ASP D 183 -0.48 54.85 54.43
C ASP D 183 -1.84 54.26 54.78
N LEU D 184 -2.25 53.17 54.14
CA LEU D 184 -3.57 52.60 54.34
C LEU D 184 -3.55 51.66 55.55
N ALA D 185 -4.40 51.97 56.55
CA ALA D 185 -4.51 51.11 57.71
C ALA D 185 -5.96 50.97 58.21
N GLU D 186 -6.94 51.22 57.35
CA GLU D 186 -8.33 51.30 57.81
C GLU D 186 -9.35 50.58 56.94
N SER D 187 -9.02 50.18 55.71
CA SER D 187 -10.01 49.66 54.79
C SER D 187 -9.88 48.16 54.60
N ARG D 188 -10.80 47.60 53.80
CA ARG D 188 -10.85 46.18 53.49
C ARG D 188 -10.92 46.03 51.97
N PHE D 189 -10.09 45.16 51.42
CA PHE D 189 -10.11 44.93 49.97
C PHE D 189 -10.69 43.56 49.64
N ILE D 190 -11.10 43.42 48.39
CA ILE D 190 -11.86 42.27 47.92
C ILE D 190 -11.08 41.62 46.78
N VAL D 191 -10.92 40.29 46.86
CA VAL D 191 -10.30 39.50 45.81
C VAL D 191 -11.32 38.48 45.33
N ARG D 192 -11.52 38.43 44.01
CA ARG D 192 -12.41 37.45 43.40
C ARG D 192 -11.69 36.75 42.26
N VAL D 193 -12.13 35.54 41.97
CA VAL D 193 -11.59 34.75 40.86
C VAL D 193 -12.76 34.11 40.11
N THR D 194 -12.71 34.17 38.79
CA THR D 194 -13.72 33.55 37.93
C THR D 194 -13.06 32.56 36.99
N ALA D 195 -13.76 31.47 36.69
CA ALA D 195 -13.24 30.43 35.81
C ALA D 195 -14.11 30.36 34.55
N ILE D 196 -13.48 30.53 33.39
CA ILE D 196 -14.19 30.57 32.11
C ILE D 196 -13.58 29.53 31.17
N ASN D 197 -14.45 28.77 30.51
CA ASN D 197 -14.06 27.95 29.38
C ASN D 197 -15.24 27.88 28.42
N ASP D 198 -15.17 26.99 27.44
CA ASP D 198 -16.23 26.84 26.45
C ASP D 198 -17.40 26.01 26.96
N LEU D 199 -17.28 25.40 28.14
CA LEU D 199 -18.35 24.61 28.73
C LEU D 199 -19.09 25.35 29.83
N GLY D 200 -18.83 26.65 30.00
CA GLY D 200 -19.56 27.42 30.99
C GLY D 200 -18.67 28.25 31.89
N ASN D 201 -19.30 29.02 32.78
CA ASN D 201 -18.60 29.91 33.69
C ASN D 201 -18.71 29.42 35.12
N SER D 202 -17.80 29.92 35.97
CA SER D 202 -17.80 29.57 37.38
C SER D 202 -17.12 30.69 38.16
N SER D 203 -17.66 30.98 39.34
CA SER D 203 -17.11 32.03 40.20
C SER D 203 -16.84 31.48 41.59
N SER D 204 -16.53 32.37 42.53
CA SER D 204 -16.25 31.98 43.91
C SER D 204 -16.73 33.08 44.85
N LEU D 205 -16.36 32.96 46.10
CA LEU D 205 -16.71 33.97 47.09
C LEU D 205 -15.88 35.23 46.88
N PRO D 206 -16.47 36.41 46.89
CA PRO D 206 -15.68 37.65 46.86
C PRO D 206 -14.95 37.87 48.18
N HIS D 207 -13.80 37.23 48.34
CA HIS D 207 -13.13 37.19 49.64
C HIS D 207 -12.61 38.58 50.01
N THR D 208 -12.47 38.79 51.32
CA THR D 208 -12.06 40.09 51.85
C THR D 208 -10.84 39.93 52.74
N PHE D 209 -9.92 40.88 52.62
CA PHE D 209 -8.71 40.89 53.42
C PHE D 209 -8.42 42.32 53.87
N THR D 210 -7.53 42.43 54.86
CA THR D 210 -7.18 43.71 55.47
C THR D 210 -5.72 44.05 55.16
N PHE D 211 -5.45 45.33 54.91
CA PHE D 211 -4.11 45.78 54.56
C PHE D 211 -3.41 46.38 55.78
N LEU D 212 -3.20 45.52 56.77
CA LEU D 212 -2.27 45.80 57.85
C LEU D 212 -1.41 44.61 58.21
N ASP D 213 -1.57 43.47 57.53
CA ASP D 213 -0.79 42.28 57.81
C ASP D 213 -0.36 41.54 56.55
N ILE D 214 -0.73 42.00 55.37
CA ILE D 214 -0.24 41.37 54.10
C ILE D 214 1.27 41.46 54.03
N VAL D 215 1.86 42.57 54.49
CA VAL D 215 3.29 42.80 54.28
C VAL D 215 4.10 41.74 55.01
N ILE D 216 5.08 41.17 54.29
CA ILE D 216 5.95 40.14 54.84
C ILE D 216 7.19 40.02 53.97
C1 NAG E . -10.45 -4.45 -17.26
C2 NAG E . -10.98 -3.58 -18.39
C3 NAG E . -12.44 -3.20 -18.11
C4 NAG E . -13.28 -4.43 -17.82
C5 NAG E . -12.60 -5.35 -16.80
C6 NAG E . -13.30 -6.68 -16.67
C7 NAG E . -9.90 -1.43 -17.74
C8 NAG E . -9.01 -0.33 -18.24
N2 NAG E . -10.16 -2.41 -18.63
O3 NAG E . -12.95 -2.49 -19.23
O4 NAG E . -14.54 -4.03 -17.28
O5 NAG E . -11.25 -5.64 -17.16
O6 NAG E . -13.11 -7.25 -15.37
O7 NAG E . -10.36 -1.42 -16.61
C1 NAG E . -15.59 -4.10 -18.26
C2 NAG E . -16.95 -4.00 -17.56
C3 NAG E . -18.07 -4.03 -18.58
C4 NAG E . -17.86 -2.95 -19.64
C5 NAG E . -16.46 -3.07 -20.26
C6 NAG E . -16.14 -1.95 -21.22
C7 NAG E . -17.51 -4.85 -15.32
C8 NAG E . -17.78 -3.42 -14.94
N2 NAG E . -17.11 -5.06 -16.58
O3 NAG E . -19.32 -3.82 -17.92
O4 NAG E . -18.84 -3.12 -20.67
O5 NAG E . -15.47 -3.04 -19.23
O6 NAG E . -15.18 -1.06 -20.66
O7 NAG E . -17.65 -5.76 -14.52
C1 BMA E . -19.74 -1.99 -20.68
C2 BMA E . -20.41 -1.93 -22.06
C3 BMA E . -21.44 -0.81 -22.08
C4 BMA E . -22.42 -0.92 -20.90
C5 BMA E . -21.63 -1.00 -19.58
C6 BMA E . -22.53 -1.19 -18.37
O2 BMA E . -21.10 -3.14 -22.34
O3 BMA E . -22.16 -0.77 -23.32
O4 BMA E . -23.28 0.19 -20.87
O5 BMA E . -20.73 -2.12 -19.65
O6 BMA E . -23.10 -2.49 -18.43
C1 MAN E . -21.25 -0.48 -24.39
C2 MAN E . -21.34 1.05 -24.70
C3 MAN E . -22.64 1.38 -25.43
C4 MAN E . -22.87 0.44 -26.63
C5 MAN E . -22.85 -1.02 -26.14
C6 MAN E . -23.02 -2.01 -27.26
O2 MAN E . -20.29 1.47 -25.58
O3 MAN E . -22.68 2.74 -25.86
O4 MAN E . -24.13 0.71 -27.22
O5 MAN E . -21.56 -1.27 -25.54
O6 MAN E . -21.78 -2.15 -27.95
C1 NAG F . 6.03 -14.35 6.91
C2 NAG F . 7.51 -14.49 7.32
C3 NAG F . 7.96 -13.34 8.23
C4 NAG F . 7.58 -12.00 7.62
C5 NAG F . 6.10 -11.98 7.26
C6 NAG F . 5.66 -10.70 6.58
C7 NAG F . 7.50 -16.50 8.93
C8 NAG F . 6.48 -15.88 9.86
N2 NAG F . 7.90 -15.81 7.83
O3 NAG F . 9.37 -13.41 8.42
O4 NAG F . 7.85 -10.95 8.55
O5 NAG F . 5.80 -13.05 6.35
O6 NAG F . 5.35 -9.69 7.53
O7 NAG F . 7.96 -17.61 9.17
C1 NAG G . -19.67 -28.86 -2.98
C2 NAG G . -20.11 -29.13 -1.54
C3 NAG G . -21.29 -30.11 -1.51
C4 NAG G . -22.42 -29.62 -2.42
C5 NAG G . -21.88 -29.35 -3.82
C6 NAG G . -22.92 -28.75 -4.73
C7 NAG G . -18.32 -30.72 -0.88
C8 NAG G . -17.24 -30.98 0.13
N2 NAG G . -19.03 -29.59 -0.70
O3 NAG G . -21.76 -30.24 -0.18
O4 NAG G . -23.45 -30.59 -2.48
O5 NAG G . -20.79 -28.42 -3.76
O6 NAG G . -24.23 -28.86 -4.19
O7 NAG G . -18.54 -31.51 -1.80
C1 NAG H . -22.65 32.71 33.28
C2 NAG H . -23.06 34.18 33.38
C3 NAG H . -24.58 34.31 33.30
C4 NAG H . -25.11 33.62 32.05
C5 NAG H . -24.61 32.17 32.00
C6 NAG H . -25.00 31.46 30.73
C7 NAG H . -21.38 35.41 34.69
C8 NAG H . -21.02 35.97 36.02
N2 NAG H . -22.55 34.78 34.61
O3 NAG H . -24.92 35.69 33.27
O4 NAG H . -26.53 33.63 32.06
O5 NAG H . -23.18 32.14 32.08
O6 NAG H . -26.19 32.01 30.18
O7 NAG H . -20.63 35.53 33.71
C1 NAG I . -29.14 11.89 17.31
C2 NAG I . -29.61 12.55 18.60
C3 NAG I . -30.85 11.83 19.13
C4 NAG I . -31.93 11.75 18.06
C5 NAG I . -31.36 11.12 16.79
C6 NAG I . -32.35 11.12 15.65
C7 NAG I . -28.28 13.64 20.35
C8 NAG I . -27.16 13.49 21.34
N2 NAG I . -28.56 12.57 19.60
O3 NAG I . -31.34 12.54 20.27
O4 NAG I . -33.02 10.97 18.53
O5 NAG I . -30.21 11.85 16.36
O6 NAG I . -31.71 11.49 14.43
O7 NAG I . -28.92 14.69 20.24
#